data_3PWP
#
_entry.id   3PWP
#
_cell.length_a   224.006
_cell.length_b   49.065
_cell.length_c   93.711
_cell.angle_alpha   90.000
_cell.angle_beta   90.070
_cell.angle_gamma   90.000
#
_symmetry.space_group_name_H-M   'C 1 2 1'
#
loop_
_entity.id
_entity.type
_entity.pdbx_description
1 polymer 'HLA class I histocompatibility antigen, A-2 alpha chain'
2 polymer Beta-2-microglobulin
3 polymer 'HuD peptide'
4 polymer 'A6 TCR alpha chain'
5 polymer 'A6 TCR beta chain'
6 non-polymer GLYCEROL
7 non-polymer 'SULFATE ION'
8 water water
#
loop_
_entity_poly.entity_id
_entity_poly.type
_entity_poly.pdbx_seq_one_letter_code
_entity_poly.pdbx_strand_id
1 'polypeptide(L)'
;GSHSMRYFFTSVSRPGRGEPRFIAVGYVDDTQFVRFDSDAASQRMEPRAPWIEQEGPEYWDGETRKVKAHSQTHRVDLGT
LRGYYNQSEAGSHTVQRMYGCDVGSDWRFLRGYHQYAYDGKDYIALKEDLRSWTAADMAAQTTKHKWEAAHVAEQLRAYL
EGTCVEWLRRYLENGKETLQRTDAPKTHMTHHAVSDHEATLRCWALSFYPAEITLTWQRDGEDQTQDTELVETRPAGDGT
FQKWAAVVVPSGQEQRYTCHVQHEGLPKPLTLRWE
;
A
2 'polypeptide(L)'
;MIQRTPKIQVYSRHPAENGKSNFLNCYVSGFHPSDIEVDLLKNGERIEKVEHSDLSFSKDWSFYLLYYTEFTPTEKDEYA
CRVNHVTLSQPKIVKWDRDM
;
B
3 'polypeptide(L)' LGYGFVNYI C
4 'polypeptide(L)'
;KEVEQNSGPLSVPEGAIASLNCTYSDRGSQSFFWYRQYSGKSPELIMSIYSNGDKEDGRFTAQLNKASQYVSLLIRDSQP
SDSATYLCAVTTDSWGKLQFGAGTQVVVTPDIQNPDPAVYQLRDSKSSDKSVCLFTDFDSQTNVSQSKDSDVYITDKTVL
DMRSMDFKSNSAVAWSNKSDFACANAFNNSIIPEDTFFPS
;
D
5 'polypeptide(L)'
;NAGVTQTPKFQVLKTGQSMTLQCAQDMNHEYMSWYRQDPGMGLRLIHYSVGAGITDQGEVPNGYNVSRSTTEDFPLRLLS
AAPSQTSVYFCASRPGLAGGRPEQYFGPGTRLTVTEDLKNVFPPEVAVFEPSEAEISHTQKATLVCLATGFYPDHVELSW
WVNGKEVHSGVSTDPQPLKEQPALNDSRYALSSRLRVSATFWQDPRNHFRCQVQFYGLSENDEWTQDRAKPVTQIVSAEA
WGRAD
;
E
#
loop_
_chem_comp.id
_chem_comp.type
_chem_comp.name
_chem_comp.formula
GOL non-polymer GLYCEROL 'C3 H8 O3'
SO4 non-polymer 'SULFATE ION' 'O4 S -2'
#
# COMPACT_ATOMS: atom_id res chain seq x y z
N GLY A 1 -33.27 6.68 4.37
CA GLY A 1 -32.60 7.80 5.09
C GLY A 1 -31.09 7.73 4.97
N SER A 2 -30.43 8.77 5.44
CA SER A 2 -28.98 8.78 5.54
C SER A 2 -28.43 7.61 6.36
N HIS A 3 -27.17 7.28 6.11
CA HIS A 3 -26.42 6.35 6.93
C HIS A 3 -25.00 6.88 7.07
N SER A 4 -24.27 6.43 8.09
CA SER A 4 -22.90 6.83 8.26
C SER A 4 -22.09 5.68 8.78
N MET A 5 -20.77 5.79 8.59
CA MET A 5 -19.80 4.90 9.20
C MET A 5 -18.75 5.78 9.83
N ARG A 6 -18.46 5.61 11.12
CA ARG A 6 -17.47 6.46 11.80
C ARG A 6 -16.54 5.61 12.64
N TYR A 7 -15.25 5.96 12.62
CA TYR A 7 -14.28 5.28 13.46
C TYR A 7 -13.71 6.25 14.49
N PHE A 8 -13.60 5.80 15.74
CA PHE A 8 -13.19 6.66 16.84
C PHE A 8 -11.96 6.05 17.46
N PHE A 9 -10.95 6.88 17.73
CA PHE A 9 -9.67 6.42 18.26
C PHE A 9 -9.31 7.25 19.48
N THR A 10 -8.82 6.64 20.54
CA THR A 10 -8.45 7.44 21.71
C THR A 10 -7.19 6.90 22.29
N SER A 11 -6.21 7.79 22.47
CA SER A 11 -4.94 7.41 23.06
C SER A 11 -4.71 8.20 24.29
N VAL A 12 -4.45 7.54 25.40
CA VAL A 12 -4.15 8.35 26.58
C VAL A 12 -2.80 8.02 27.17
N SER A 13 -1.94 9.02 27.38
CA SER A 13 -0.60 8.69 27.90
C SER A 13 -0.62 8.37 29.39
N ARG A 14 0.29 7.49 29.82
CA ARG A 14 0.40 7.05 31.23
C ARG A 14 1.84 7.19 31.78
N PRO A 15 2.24 8.43 32.12
CA PRO A 15 3.58 8.80 32.64
C PRO A 15 3.95 7.89 33.83
N GLY A 16 5.13 7.31 33.78
CA GLY A 16 5.55 6.34 34.78
C GLY A 16 4.94 4.96 34.67
N ARG A 17 3.84 4.82 33.94
CA ARG A 17 3.17 3.54 33.84
C ARG A 17 3.24 2.98 32.40
N GLY A 18 4.26 3.31 31.64
CA GLY A 18 4.45 2.66 30.32
C GLY A 18 3.64 3.19 29.14
N GLU A 19 3.36 2.32 28.18
CA GLU A 19 2.76 2.69 26.87
C GLU A 19 1.34 3.27 27.03
N PRO A 20 0.92 4.19 26.13
CA PRO A 20 -0.43 4.75 26.26
C PRO A 20 -1.60 3.77 26.19
N ARG A 21 -2.76 4.16 26.68
CA ARG A 21 -3.95 3.36 26.52
C ARG A 21 -4.40 3.64 25.12
N PHE A 22 -4.64 2.61 24.34
CA PHE A 22 -5.24 2.82 23.05
C PHE A 22 -6.58 2.10 22.90
N ILE A 23 -7.62 2.85 22.58
CA ILE A 23 -8.97 2.29 22.39
C ILE A 23 -9.53 2.72 21.06
N ALA A 24 -9.97 1.76 20.26
CA ALA A 24 -10.53 2.05 18.96
C ALA A 24 -11.84 1.38 18.83
N VAL A 25 -12.75 2.06 18.16
CA VAL A 25 -14.14 1.62 18.09
C VAL A 25 -14.71 2.01 16.72
N GLY A 26 -15.49 1.13 16.10
CA GLY A 26 -16.20 1.42 14.84
C GLY A 26 -17.72 1.38 14.90
N TYR A 27 -18.35 2.36 14.30
CA TYR A 27 -19.79 2.46 14.24
C TYR A 27 -20.33 2.50 12.81
N VAL A 28 -21.50 1.93 12.61
CA VAL A 28 -22.31 2.21 11.43
C VAL A 28 -23.60 2.72 12.05
N ASP A 29 -23.99 3.95 11.72
CA ASP A 29 -25.08 4.66 12.40
C ASP A 29 -24.89 4.71 13.92
N ASP A 30 -25.72 4.03 14.69
CA ASP A 30 -25.55 4.01 16.14
C ASP A 30 -25.26 2.61 16.66
N THR A 31 -24.57 1.81 15.84
CA THR A 31 -24.26 0.43 16.15
C THR A 31 -22.77 0.19 16.08
N GLN A 32 -22.18 -0.06 17.23
CA GLN A 32 -20.81 -0.44 17.36
C GLN A 32 -20.69 -1.75 16.61
N PHE A 33 -19.73 -1.84 15.67
CA PHE A 33 -19.47 -3.13 15.00
C PHE A 33 -18.10 -3.71 15.27
N VAL A 34 -17.10 -2.89 15.59
CA VAL A 34 -15.77 -3.48 15.90
C VAL A 34 -15.11 -2.80 17.09
N ARG A 35 -14.23 -3.49 17.81
CA ARG A 35 -13.45 -2.79 18.84
C ARG A 35 -11.98 -3.21 18.92
N PHE A 36 -11.11 -2.30 19.30
CA PHE A 36 -9.76 -2.67 19.75
C PHE A 36 -9.46 -1.91 21.03
N ASP A 37 -8.88 -2.62 22.00
CA ASP A 37 -8.45 -2.02 23.26
C ASP A 37 -7.05 -2.55 23.43
N SER A 38 -6.08 -1.66 23.63
CA SER A 38 -4.70 -2.08 23.93
C SER A 38 -4.54 -2.92 25.22
N ASP A 39 -5.46 -2.77 26.18
CA ASP A 39 -5.41 -3.54 27.42
C ASP A 39 -6.15 -4.87 27.41
N ALA A 40 -6.94 -5.14 26.37
CA ALA A 40 -7.68 -6.42 26.34
C ALA A 40 -6.81 -7.60 25.97
N ALA A 41 -7.38 -8.79 26.12
CA ALA A 41 -6.67 -10.07 25.98
C ALA A 41 -6.11 -10.36 24.58
N SER A 42 -6.95 -10.18 23.56
CA SER A 42 -6.72 -10.69 22.21
C SER A 42 -5.57 -10.08 21.38
N GLN A 43 -5.37 -8.78 21.53
CA GLN A 43 -4.47 -7.97 20.69
C GLN A 43 -4.93 -7.88 19.24
N ARG A 44 -6.25 -8.00 19.05
CA ARG A 44 -6.87 -7.97 17.71
C ARG A 44 -8.07 -7.02 17.66
N MET A 45 -8.45 -6.61 16.45
CA MET A 45 -9.77 -6.02 16.20
C MET A 45 -10.79 -7.16 16.35
N GLU A 46 -11.91 -6.86 16.98
CA GLU A 46 -12.85 -7.87 17.43
C GLU A 46 -14.26 -7.52 16.99
N PRO A 47 -15.08 -8.52 16.67
CA PRO A 47 -16.45 -8.21 16.26
C PRO A 47 -17.35 -7.68 17.40
N ARG A 48 -18.26 -6.75 17.10
CA ARG A 48 -19.28 -6.30 18.07
C ARG A 48 -20.75 -6.32 17.56
N ALA A 49 -20.95 -6.77 16.32
CA ALA A 49 -22.29 -6.89 15.78
C ALA A 49 -22.30 -8.26 15.15
N PRO A 50 -23.49 -8.94 15.09
CA PRO A 50 -23.54 -10.29 14.47
C PRO A 50 -23.15 -10.34 12.99
N TRP A 51 -23.51 -9.31 12.24
CA TRP A 51 -23.34 -9.32 10.79
C TRP A 51 -21.92 -9.05 10.29
N ILE A 52 -20.99 -8.85 11.21
CA ILE A 52 -19.64 -8.62 10.79
C ILE A 52 -18.76 -9.79 11.07
N GLU A 53 -19.26 -10.77 11.80
CA GLU A 53 -18.50 -11.99 12.09
C GLU A 53 -18.28 -12.89 10.88
N GLN A 54 -19.20 -12.82 9.92
CA GLN A 54 -19.10 -13.51 8.62
C GLN A 54 -17.87 -13.10 7.77
N GLU A 55 -17.24 -11.97 8.07
CA GLU A 55 -16.01 -11.59 7.39
C GLU A 55 -14.90 -12.58 7.75
N GLY A 56 -14.04 -12.89 6.78
CA GLY A 56 -13.05 -13.92 6.96
C GLY A 56 -11.78 -13.43 7.60
N PRO A 57 -10.81 -14.35 7.76
CA PRO A 57 -9.46 -14.18 8.31
C PRO A 57 -8.70 -12.99 7.77
N GLU A 58 -8.67 -12.79 6.44
CA GLU A 58 -8.08 -11.59 5.80
C GLU A 58 -8.60 -10.25 6.37
N TYR A 59 -9.91 -10.20 6.58
CA TYR A 59 -10.54 -9.00 7.09
C TYR A 59 -9.99 -8.63 8.47
N TRP A 60 -9.87 -9.62 9.34
CA TRP A 60 -9.54 -9.35 10.70
C TRP A 60 -8.05 -9.11 10.82
N ASP A 61 -7.28 -9.86 10.04
CA ASP A 61 -5.82 -9.65 9.96
C ASP A 61 -5.45 -8.23 9.55
N GLY A 62 -6.20 -7.64 8.62
CA GLY A 62 -5.83 -6.34 8.12
C GLY A 62 -6.30 -5.23 9.02
N GLU A 63 -7.55 -5.36 9.48
CA GLU A 63 -8.11 -4.50 10.52
C GLU A 63 -7.21 -4.46 11.74
N THR A 64 -6.74 -5.62 12.20
CA THR A 64 -5.81 -5.70 13.33
C THR A 64 -4.53 -4.94 13.01
N ARG A 65 -3.96 -5.24 11.86
CA ARG A 65 -2.75 -4.60 11.42
C ARG A 65 -2.95 -3.08 11.27
N LYS A 66 -4.04 -2.63 10.67
CA LYS A 66 -4.29 -1.20 10.53
C LYS A 66 -4.37 -0.53 11.88
N VAL A 67 -5.18 -1.11 12.77
CA VAL A 67 -5.44 -0.47 14.05
C VAL A 67 -4.19 -0.46 14.95
N LYS A 68 -3.35 -1.47 14.84
CA LYS A 68 -2.02 -1.42 15.41
C LYS A 68 -1.16 -0.27 14.87
N ALA A 69 -1.33 0.08 13.59
CA ALA A 69 -0.62 1.24 13.07
C ALA A 69 -1.20 2.53 13.60
N HIS A 70 -2.53 2.64 13.71
CA HIS A 70 -3.19 3.80 14.31
C HIS A 70 -2.71 3.99 15.76
N SER A 71 -2.52 2.86 16.46
CA SER A 71 -2.04 2.87 17.83
C SER A 71 -0.65 3.46 17.84
N GLN A 72 0.15 2.93 16.94
CA GLN A 72 1.54 3.35 16.81
C GLN A 72 1.77 4.79 16.47
N THR A 73 0.89 5.41 15.66
CA THR A 73 1.10 6.80 15.29
C THR A 73 0.74 7.68 16.44
N HIS A 74 -0.39 7.41 17.06
CA HIS A 74 -0.85 8.12 18.25
C HIS A 74 0.12 8.10 19.45
N ARG A 75 0.79 6.95 19.69
CA ARG A 75 1.87 6.85 20.68
C ARG A 75 3.00 7.82 20.36
N VAL A 76 3.33 7.97 19.07
CA VAL A 76 4.36 8.92 18.69
C VAL A 76 3.80 10.35 18.77
N ASP A 77 2.51 10.51 18.48
CA ASP A 77 1.89 11.83 18.44
C ASP A 77 1.89 12.53 19.80
N LEU A 78 1.60 11.76 20.87
CA LEU A 78 1.66 12.22 22.25
C LEU A 78 3.04 12.79 22.60
N GLY A 79 4.11 12.14 22.17
CA GLY A 79 5.44 12.66 22.35
C GLY A 79 5.76 13.91 21.52
N THR A 80 5.12 14.05 20.37
CA THR A 80 5.37 15.18 19.49
C THR A 80 4.70 16.43 20.06
N LEU A 81 3.44 16.25 20.45
CA LEU A 81 2.59 17.30 20.98
C LEU A 81 3.11 17.86 22.30
N ARG A 82 3.61 16.95 23.12
CA ARG A 82 4.22 17.31 24.37
C ARG A 82 5.48 18.15 24.15
N GLY A 83 6.22 17.82 23.08
CA GLY A 83 7.33 18.61 22.62
C GLY A 83 6.82 19.93 22.09
N TYR A 84 5.74 19.90 21.32
CA TYR A 84 5.26 21.11 20.65
C TYR A 84 4.79 22.16 21.64
N TYR A 85 4.09 21.72 22.69
CA TYR A 85 3.62 22.64 23.72
C TYR A 85 4.51 22.69 24.97
N ASN A 86 5.72 22.14 24.88
CA ASN A 86 6.72 22.11 25.99
C ASN A 86 6.14 21.69 27.35
N GLN A 87 5.48 20.55 27.41
CA GLN A 87 4.78 20.18 28.63
C GLN A 87 5.68 19.19 29.32
N SER A 88 5.43 18.87 30.59
CA SER A 88 6.35 17.98 31.30
C SER A 88 6.11 16.53 30.97
N GLU A 89 7.04 15.67 31.34
CA GLU A 89 6.81 14.26 31.18
C GLU A 89 5.94 13.63 32.30
N ALA A 90 5.56 14.43 33.29
CA ALA A 90 4.83 13.92 34.46
C ALA A 90 3.33 13.80 34.21
N GLY A 91 2.83 14.50 33.19
CA GLY A 91 1.40 14.59 32.92
C GLY A 91 0.80 13.64 31.91
N SER A 92 -0.47 13.37 32.10
CA SER A 92 -1.14 12.47 31.23
C SER A 92 -1.98 13.26 30.25
N HIS A 93 -1.72 13.07 28.97
CA HIS A 93 -2.40 13.81 27.95
C HIS A 93 -3.22 12.95 27.01
N THR A 94 -4.09 13.56 26.24
CA THR A 94 -5.04 12.78 25.46
C THR A 94 -5.03 13.17 24.02
N VAL A 95 -5.00 12.14 23.17
CA VAL A 95 -5.21 12.34 21.74
C VAL A 95 -6.48 11.65 21.25
N GLN A 96 -7.28 12.36 20.45
CA GLN A 96 -8.49 11.77 19.88
C GLN A 96 -8.57 12.03 18.39
N ARG A 97 -8.93 10.99 17.61
CA ARG A 97 -9.13 11.15 16.17
C ARG A 97 -10.45 10.55 15.75
N MET A 98 -11.17 11.23 14.88
CA MET A 98 -12.39 10.69 14.37
C MET A 98 -12.50 10.88 12.84
N TYR A 99 -12.76 9.79 12.10
CA TYR A 99 -13.02 9.83 10.65
C TYR A 99 -14.17 8.93 10.16
N GLY A 100 -14.72 9.27 9.00
CA GLY A 100 -15.71 8.43 8.32
C GLY A 100 -16.48 9.15 7.23
N CYS A 101 -17.65 8.63 6.87
CA CYS A 101 -18.42 9.21 5.81
C CYS A 101 -19.91 9.09 6.03
N ASP A 102 -20.67 10.03 5.48
CA ASP A 102 -22.12 9.90 5.41
C ASP A 102 -22.51 9.52 3.98
N VAL A 103 -23.58 8.73 3.81
CA VAL A 103 -24.19 8.55 2.49
C VAL A 103 -25.66 8.89 2.55
N GLY A 104 -26.24 9.28 1.42
CA GLY A 104 -27.67 9.65 1.39
C GLY A 104 -28.60 8.46 1.37
N SER A 105 -29.89 8.69 1.14
CA SER A 105 -30.85 7.59 1.10
C SER A 105 -30.73 6.78 -0.20
N ASP A 106 -30.13 7.40 -1.22
CA ASP A 106 -29.68 6.72 -2.44
C ASP A 106 -28.40 5.87 -2.24
N TRP A 107 -27.73 6.11 -1.10
CA TRP A 107 -26.47 5.46 -0.67
C TRP A 107 -25.22 5.99 -1.38
N ARG A 108 -25.34 7.11 -2.09
CA ARG A 108 -24.18 7.73 -2.73
C ARG A 108 -23.49 8.63 -1.74
N PHE A 109 -22.19 8.91 -1.97
CA PHE A 109 -21.38 9.80 -1.11
C PHE A 109 -22.01 11.14 -0.77
N LEU A 110 -22.14 11.45 0.50
CA LEU A 110 -22.70 12.71 0.93
C LEU A 110 -21.65 13.63 1.58
N ARG A 111 -20.82 13.06 2.45
CA ARG A 111 -19.88 13.85 3.23
C ARG A 111 -18.84 12.93 3.76
N GLY A 112 -17.62 13.43 3.84
CA GLY A 112 -16.55 12.74 4.56
C GLY A 112 -15.96 13.72 5.55
N TYR A 113 -15.26 13.20 6.55
CA TYR A 113 -14.69 14.03 7.60
C TYR A 113 -13.57 13.33 8.32
N HIS A 114 -12.64 14.10 8.87
CA HIS A 114 -11.50 13.55 9.56
C HIS A 114 -11.00 14.61 10.54
N GLN A 115 -11.28 14.46 11.82
CA GLN A 115 -10.74 15.45 12.74
C GLN A 115 -9.82 14.93 13.80
N TYR A 116 -9.16 15.83 14.50
CA TYR A 116 -8.16 15.45 15.47
C TYR A 116 -8.20 16.37 16.68
N ALA A 117 -8.20 15.80 17.89
CA ALA A 117 -8.09 16.59 19.13
C ALA A 117 -6.86 16.30 19.96
N TYR A 118 -6.36 17.32 20.65
CA TYR A 118 -5.32 17.13 21.67
C TYR A 118 -5.91 17.64 22.98
N ASP A 119 -5.79 16.83 24.04
CA ASP A 119 -6.44 17.14 25.33
C ASP A 119 -7.88 17.67 25.23
N GLY A 120 -8.72 17.06 24.39
CA GLY A 120 -10.13 17.43 24.29
C GLY A 120 -10.50 18.71 23.58
N LYS A 121 -9.58 19.30 22.85
CA LYS A 121 -9.95 20.48 22.04
C LYS A 121 -9.37 20.38 20.64
N ASP A 122 -9.99 21.07 19.69
CA ASP A 122 -9.63 20.93 18.28
C ASP A 122 -8.15 21.18 18.01
N TYR A 123 -7.55 20.26 17.25
CA TYR A 123 -6.15 20.41 16.86
C TYR A 123 -6.10 20.66 15.37
N ILE A 124 -6.52 19.70 14.57
CA ILE A 124 -6.57 19.83 13.11
C ILE A 124 -7.79 19.09 12.49
N ALA A 125 -8.44 19.67 11.48
CA ALA A 125 -9.52 18.97 10.77
C ALA A 125 -9.47 19.17 9.23
N LEU A 126 -9.87 18.14 8.49
CA LEU A 126 -10.13 18.28 7.07
C LEU A 126 -11.33 19.20 6.93
N LYS A 127 -11.29 20.17 6.01
CA LYS A 127 -12.47 20.98 5.68
C LYS A 127 -13.46 20.16 4.84
N GLU A 128 -14.66 20.66 4.61
CA GLU A 128 -15.67 19.84 3.90
C GLU A 128 -15.30 19.51 2.45
N ASP A 129 -14.52 20.40 1.85
CA ASP A 129 -14.03 20.24 0.49
C ASP A 129 -13.01 19.09 0.30
N LEU A 130 -12.56 18.52 1.42
CA LEU A 130 -11.64 17.36 1.51
C LEU A 130 -10.25 17.62 0.94
N ARG A 131 -9.88 18.89 0.87
CA ARG A 131 -8.64 19.30 0.26
C ARG A 131 -7.79 20.12 1.20
N SER A 132 -8.41 20.84 2.12
CA SER A 132 -7.64 21.74 2.98
C SER A 132 -7.89 21.52 4.44
N TRP A 133 -7.06 22.12 5.28
CA TRP A 133 -7.14 21.89 6.70
C TRP A 133 -7.41 23.13 7.53
N THR A 134 -8.17 22.98 8.60
CA THR A 134 -8.24 23.99 9.66
C THR A 134 -7.30 23.59 10.81
N ALA A 135 -6.30 24.41 11.08
CA ALA A 135 -5.40 24.15 12.18
C ALA A 135 -5.79 25.12 13.29
N ALA A 136 -6.03 24.60 14.48
CA ALA A 136 -6.57 25.41 15.54
C ALA A 136 -5.64 26.43 16.24
N ASP A 137 -4.32 26.25 16.16
CA ASP A 137 -3.36 27.21 16.72
C ASP A 137 -2.02 27.16 16.03
N MET A 138 -1.06 27.90 16.60
CA MET A 138 0.27 28.01 16.05
C MET A 138 1.06 26.71 16.05
N ALA A 139 0.80 25.85 17.02
CA ALA A 139 1.47 24.57 17.02
C ALA A 139 0.87 23.66 15.93
N ALA A 140 -0.44 23.71 15.72
CA ALA A 140 -1.06 22.90 14.68
C ALA A 140 -0.80 23.40 13.26
N GLN A 141 -0.41 24.67 13.13
CA GLN A 141 0.02 25.31 11.88
C GLN A 141 1.18 24.54 11.26
N THR A 142 2.09 24.08 12.12
CA THR A 142 3.20 23.20 11.76
C THR A 142 2.71 21.90 11.14
N THR A 143 1.75 21.26 11.79
CA THR A 143 1.16 20.00 11.33
C THR A 143 0.45 20.18 9.97
N LYS A 144 -0.22 21.32 9.80
CA LYS A 144 -0.93 21.63 8.59
C LYS A 144 0.00 21.74 7.39
N HIS A 145 1.06 22.54 7.56
CA HIS A 145 2.09 22.72 6.56
C HIS A 145 2.78 21.39 6.25
N LYS A 146 3.04 20.60 7.29
CA LYS A 146 3.63 19.28 7.12
C LYS A 146 2.72 18.35 6.28
N TRP A 147 1.44 18.32 6.64
CA TRP A 147 0.44 17.50 5.95
C TRP A 147 0.03 18.05 4.58
N GLU A 148 0.14 19.36 4.37
CA GLU A 148 -0.09 19.88 3.04
C GLU A 148 1.03 19.48 2.08
N ALA A 149 2.26 19.48 2.58
CA ALA A 149 3.43 19.16 1.78
C ALA A 149 3.51 17.69 1.45
N ALA A 150 2.95 16.87 2.33
CA ALA A 150 3.02 15.43 2.15
C ALA A 150 1.72 14.85 1.55
N HIS A 151 0.87 15.71 0.99
CA HIS A 151 -0.36 15.27 0.28
C HIS A 151 -1.31 14.28 1.02
N VAL A 152 -1.38 14.42 2.34
CA VAL A 152 -2.26 13.66 3.22
C VAL A 152 -3.74 13.74 2.84
N ALA A 153 -4.18 14.94 2.47
CA ALA A 153 -5.58 15.20 2.14
C ALA A 153 -6.05 14.38 0.94
N GLU A 154 -5.20 14.28 -0.08
CA GLU A 154 -5.52 13.54 -1.29
C GLU A 154 -5.67 12.06 -1.01
N GLN A 155 -4.94 11.59 -0.03
CA GLN A 155 -4.94 10.20 0.33
C GLN A 155 -6.18 9.85 1.11
N LEU A 156 -6.49 10.74 2.05
CA LEU A 156 -7.72 10.69 2.78
C LEU A 156 -8.96 10.75 1.88
N ARG A 157 -8.91 11.63 0.87
CA ARG A 157 -10.04 11.87 -0.03
C ARG A 157 -10.42 10.60 -0.73
N ALA A 158 -9.42 9.91 -1.27
CA ALA A 158 -9.57 8.57 -1.84
C ALA A 158 -10.29 7.59 -0.93
N TYR A 159 -9.92 7.57 0.35
CA TYR A 159 -10.62 6.72 1.30
C TYR A 159 -12.07 7.16 1.54
N LEU A 160 -12.26 8.46 1.79
CA LEU A 160 -13.50 8.99 2.28
C LEU A 160 -14.63 8.92 1.24
N GLU A 161 -14.30 9.29 0.01
CA GLU A 161 -15.23 9.18 -1.12
C GLU A 161 -15.22 7.78 -1.75
N GLY A 162 -14.28 6.92 -1.37
CA GLY A 162 -14.14 5.67 -2.08
C GLY A 162 -14.42 4.46 -1.23
N THR A 163 -13.40 4.01 -0.50
CA THR A 163 -13.44 2.83 0.34
C THR A 163 -14.48 2.93 1.48
N CYS A 164 -14.60 4.14 2.04
CA CYS A 164 -15.46 4.37 3.16
C CYS A 164 -16.90 4.13 2.73
N VAL A 165 -17.27 4.69 1.59
CA VAL A 165 -18.61 4.52 1.11
C VAL A 165 -18.78 3.14 0.53
N GLU A 166 -17.73 2.54 -0.04
CA GLU A 166 -17.87 1.17 -0.51
C GLU A 166 -18.13 0.21 0.63
N TRP A 167 -17.37 0.32 1.71
CA TRP A 167 -17.54 -0.65 2.79
C TRP A 167 -18.82 -0.47 3.65
N LEU A 168 -19.23 0.79 3.84
CA LEU A 168 -20.52 1.12 4.42
C LEU A 168 -21.67 0.37 3.74
N ARG A 169 -21.68 0.42 2.41
CA ARG A 169 -22.74 -0.20 1.62
C ARG A 169 -22.75 -1.70 1.83
N ARG A 170 -21.56 -2.30 1.83
CA ARG A 170 -21.42 -3.72 2.14
C ARG A 170 -21.98 -4.05 3.57
N TYR A 171 -21.69 -3.19 4.53
CA TYR A 171 -22.21 -3.39 5.88
C TYR A 171 -23.75 -3.23 5.94
N LEU A 172 -24.27 -2.18 5.29
CA LEU A 172 -25.68 -1.93 5.29
C LEU A 172 -26.48 -3.06 4.66
N GLU A 173 -25.92 -3.74 3.67
CA GLU A 173 -26.62 -4.88 3.14
C GLU A 173 -26.34 -6.18 3.89
N ASN A 174 -25.15 -6.36 4.44
CA ASN A 174 -24.89 -7.53 5.31
C ASN A 174 -25.70 -7.56 6.61
N GLY A 175 -25.93 -6.40 7.20
CA GLY A 175 -26.82 -6.34 8.35
C GLY A 175 -28.10 -5.62 8.04
N LYS A 176 -28.98 -6.26 7.29
CA LYS A 176 -30.16 -5.59 6.80
C LYS A 176 -31.19 -5.49 7.91
N GLU A 177 -31.40 -6.61 8.61
CA GLU A 177 -32.37 -6.69 9.70
C GLU A 177 -31.92 -5.87 10.88
N THR A 178 -30.60 -5.84 11.07
CA THR A 178 -29.98 -5.10 12.13
C THR A 178 -30.00 -3.63 11.79
N LEU A 179 -29.31 -3.22 10.73
CA LEU A 179 -29.06 -1.78 10.53
C LEU A 179 -30.14 -0.98 9.80
N GLN A 180 -30.96 -1.63 8.98
CA GLN A 180 -31.96 -0.89 8.21
C GLN A 180 -33.32 -0.87 8.91
N ARG A 181 -33.36 -1.39 10.13
CA ARG A 181 -34.55 -1.34 10.96
C ARG A 181 -34.82 0.08 11.46
N THR A 182 -36.05 0.27 11.90
CA THR A 182 -36.43 1.51 12.53
C THR A 182 -37.39 1.10 13.64
N ASP A 183 -37.11 1.53 14.86
CA ASP A 183 -37.95 1.17 15.99
C ASP A 183 -38.55 2.42 16.55
N ALA A 184 -39.87 2.53 16.44
CA ALA A 184 -40.63 3.67 16.92
C ALA A 184 -40.57 3.70 18.44
N PRO A 185 -40.56 4.91 19.02
CA PRO A 185 -40.50 5.01 20.49
C PRO A 185 -41.81 4.62 21.15
N LYS A 186 -41.73 3.72 22.14
CA LYS A 186 -42.86 3.45 23.02
C LYS A 186 -43.00 4.65 23.93
N THR A 187 -44.18 5.26 23.93
CA THR A 187 -44.42 6.41 24.79
C THR A 187 -45.12 6.02 26.08
N HIS A 188 -45.06 6.94 27.03
CA HIS A 188 -45.42 6.74 28.42
C HIS A 188 -45.53 8.16 28.94
N MET A 189 -46.29 8.36 30.00
CA MET A 189 -46.55 9.72 30.48
C MET A 189 -46.78 9.70 31.99
N THR A 190 -45.91 10.37 32.75
CA THR A 190 -46.04 10.38 34.21
C THR A 190 -46.20 11.77 34.82
N HIS A 191 -46.92 11.81 35.93
CA HIS A 191 -47.24 13.03 36.64
C HIS A 191 -47.18 12.76 38.14
N HIS A 192 -46.32 13.51 38.83
CA HIS A 192 -46.21 13.43 40.29
C HIS A 192 -46.23 14.83 40.88
N ALA A 193 -47.15 15.09 41.80
CA ALA A 193 -47.27 16.39 42.44
C ALA A 193 -46.05 16.61 43.32
N VAL A 194 -45.33 17.69 43.07
CA VAL A 194 -44.12 17.98 43.84
C VAL A 194 -44.47 18.60 45.20
N SER A 195 -45.22 19.70 45.16
CA SER A 195 -45.73 20.34 46.36
C SER A 195 -46.95 21.18 45.99
N ASP A 196 -48.14 20.70 46.37
CA ASP A 196 -49.40 21.48 46.47
C ASP A 196 -49.77 22.48 45.38
N HIS A 197 -48.93 23.51 45.24
CA HIS A 197 -49.05 24.54 44.22
C HIS A 197 -48.41 24.06 42.90
N GLU A 198 -47.56 23.03 42.96
CA GLU A 198 -46.69 22.67 41.83
C GLU A 198 -46.68 21.17 41.44
N ALA A 199 -46.76 20.91 40.13
CA ALA A 199 -46.66 19.55 39.61
C ALA A 199 -45.60 19.42 38.51
N THR A 200 -45.10 18.19 38.28
CA THR A 200 -44.17 17.92 37.18
C THR A 200 -44.77 16.98 36.16
N LEU A 201 -44.79 17.40 34.91
CA LEU A 201 -45.18 16.50 33.83
C LEU A 201 -43.93 15.91 33.22
N ARG A 202 -43.92 14.62 32.94
CA ARG A 202 -42.75 13.98 32.33
C ARG A 202 -43.08 13.07 31.16
N CYS A 203 -42.48 13.40 30.03
CA CYS A 203 -42.71 12.73 28.76
C CYS A 203 -41.68 11.64 28.54
N TRP A 204 -42.08 10.39 28.38
CA TRP A 204 -41.08 9.36 28.12
C TRP A 204 -41.03 8.92 26.66
N ALA A 205 -39.86 8.55 26.18
CA ALA A 205 -39.73 7.89 24.88
C ALA A 205 -38.72 6.75 25.02
N LEU A 206 -39.18 5.51 24.85
CA LEU A 206 -38.36 4.35 25.18
C LEU A 206 -38.33 3.35 24.04
N SER A 207 -37.32 2.48 24.04
CA SER A 207 -37.14 1.39 23.05
C SER A 207 -36.99 1.84 21.61
N PHE A 208 -36.33 2.97 21.39
CA PHE A 208 -36.23 3.48 20.03
C PHE A 208 -34.87 3.31 19.34
N TYR A 209 -34.92 3.17 18.00
CA TYR A 209 -33.74 3.18 17.13
C TYR A 209 -34.06 3.89 15.83
N PRO A 210 -33.20 4.83 15.40
CA PRO A 210 -31.95 5.29 15.98
C PRO A 210 -32.08 6.42 16.97
N ALA A 211 -30.94 6.82 17.55
CA ALA A 211 -30.87 7.73 18.70
C ALA A 211 -31.41 9.15 18.51
N GLU A 212 -31.49 9.63 17.27
CA GLU A 212 -31.97 10.98 17.03
C GLU A 212 -33.46 11.03 17.29
N ILE A 213 -33.87 11.93 18.16
CA ILE A 213 -35.26 12.06 18.56
C ILE A 213 -35.43 13.53 18.95
N THR A 214 -36.66 14.03 18.91
CA THR A 214 -36.93 15.37 19.44
C THR A 214 -38.15 15.27 20.33
N LEU A 215 -38.01 15.77 21.56
CA LEU A 215 -39.16 16.01 22.43
C LEU A 215 -39.17 17.48 22.82
N THR A 216 -40.28 18.16 22.55
CA THR A 216 -40.42 19.53 23.04
C THR A 216 -41.68 19.69 23.86
N TRP A 217 -41.63 20.60 24.82
CA TRP A 217 -42.78 20.98 25.62
C TRP A 217 -43.34 22.34 25.16
N GLN A 218 -44.64 22.52 25.32
CA GLN A 218 -45.35 23.57 24.59
C GLN A 218 -46.74 23.93 25.17
N ARG A 219 -47.02 25.22 25.34
CA ARG A 219 -48.39 25.68 25.62
C ARG A 219 -48.95 26.48 24.46
N ASP A 220 -50.10 26.05 23.96
CA ASP A 220 -50.87 26.70 22.87
C ASP A 220 -50.16 26.85 21.52
N GLY A 221 -49.17 26.02 21.24
CA GLY A 221 -48.40 26.17 20.01
C GLY A 221 -47.01 26.74 20.27
N GLU A 222 -46.94 27.68 21.21
CA GLU A 222 -45.66 28.28 21.59
C GLU A 222 -44.83 27.32 22.46
N ASP A 223 -43.70 26.87 21.93
CA ASP A 223 -42.87 25.90 22.66
C ASP A 223 -42.08 26.51 23.83
N GLN A 224 -41.98 25.75 24.91
CA GLN A 224 -41.48 26.27 26.17
C GLN A 224 -40.19 25.59 26.59
N THR A 225 -39.07 26.20 26.27
CA THR A 225 -37.76 25.71 26.72
C THR A 225 -37.24 26.57 27.88
N GLN A 226 -38.15 27.32 28.49
CA GLN A 226 -37.82 28.15 29.64
C GLN A 226 -38.01 27.34 30.94
N ASP A 227 -38.88 26.34 30.88
CA ASP A 227 -39.13 25.47 32.04
C ASP A 227 -38.54 24.08 31.84
N THR A 228 -38.19 23.78 30.59
CA THR A 228 -37.83 22.41 30.13
C THR A 228 -36.62 21.77 30.81
N GLU A 229 -36.79 20.53 31.26
CA GLU A 229 -35.65 19.69 31.58
C GLU A 229 -35.58 18.50 30.62
N LEU A 230 -34.50 18.49 29.83
CA LEU A 230 -34.31 17.50 28.80
C LEU A 230 -33.06 16.71 29.18
N VAL A 231 -33.17 15.41 29.44
CA VAL A 231 -31.93 14.63 29.59
C VAL A 231 -31.32 14.23 28.28
N GLU A 232 -30.06 13.84 28.35
CA GLU A 232 -29.34 13.23 27.26
C GLU A 232 -29.93 11.88 26.88
N THR A 233 -30.07 11.65 25.57
CA THR A 233 -30.40 10.34 25.00
C THR A 233 -29.41 9.30 25.50
N ARG A 234 -29.95 8.19 26.00
CA ARG A 234 -29.13 7.26 26.67
C ARG A 234 -29.45 5.86 26.19
N PRO A 235 -28.42 5.02 26.07
CA PRO A 235 -28.55 3.62 25.67
C PRO A 235 -29.30 2.75 26.66
N ALA A 236 -30.26 1.98 26.17
CA ALA A 236 -30.87 0.95 26.99
C ALA A 236 -29.93 -0.25 27.17
N GLY A 237 -29.05 -0.48 26.18
CA GLY A 237 -28.07 -1.56 26.23
C GLY A 237 -28.45 -2.83 25.48
N ASP A 238 -29.60 -2.81 24.81
CA ASP A 238 -30.03 -3.92 23.94
C ASP A 238 -29.99 -3.54 22.46
N GLY A 239 -29.49 -2.34 22.19
CA GLY A 239 -29.49 -1.85 20.85
C GLY A 239 -30.40 -0.65 20.66
N THR A 240 -31.38 -0.48 21.55
CA THR A 240 -32.24 0.68 21.43
C THR A 240 -31.85 1.81 22.37
N PHE A 241 -32.66 2.86 22.40
CA PHE A 241 -32.35 4.06 23.17
C PHE A 241 -33.55 4.60 23.98
N GLN A 242 -33.27 5.56 24.87
CA GLN A 242 -34.25 6.10 25.81
C GLN A 242 -34.02 7.61 25.99
N LYS A 243 -35.09 8.37 26.13
CA LYS A 243 -34.99 9.81 26.47
C LYS A 243 -36.23 10.32 27.23
N TRP A 244 -36.04 11.23 28.19
CA TRP A 244 -37.19 11.97 28.74
C TRP A 244 -37.12 13.50 28.71
N ALA A 245 -38.30 14.13 28.70
CA ALA A 245 -38.42 15.58 28.81
C ALA A 245 -39.35 15.92 29.96
N ALA A 246 -39.13 17.07 30.60
CA ALA A 246 -39.97 17.49 31.74
C ALA A 246 -40.25 18.98 31.81
N VAL A 247 -41.36 19.34 32.45
CA VAL A 247 -41.64 20.74 32.82
C VAL A 247 -42.19 20.93 34.23
N VAL A 248 -42.02 22.16 34.74
CA VAL A 248 -42.45 22.58 36.06
C VAL A 248 -43.80 23.26 35.94
N VAL A 249 -44.88 22.51 36.18
CA VAL A 249 -46.23 22.95 35.86
C VAL A 249 -47.02 23.44 37.07
N PRO A 250 -47.63 24.63 36.97
CA PRO A 250 -48.65 25.02 37.94
C PRO A 250 -49.92 24.20 37.74
N SER A 251 -50.27 23.38 38.74
CA SER A 251 -51.31 22.35 38.61
C SER A 251 -52.75 22.85 38.41
N GLY A 252 -53.46 22.23 37.47
CA GLY A 252 -54.79 22.68 37.07
C GLY A 252 -54.71 23.25 35.67
N GLN A 253 -53.52 23.15 35.06
CA GLN A 253 -53.28 23.68 33.72
C GLN A 253 -52.87 22.61 32.72
N GLU A 254 -52.74 21.36 33.19
CA GLU A 254 -52.14 20.28 32.41
C GLU A 254 -52.97 19.71 31.25
N GLN A 255 -53.88 20.50 30.68
CA GLN A 255 -54.59 20.11 29.47
C GLN A 255 -54.14 20.95 28.27
N ARG A 256 -53.65 22.16 28.53
CA ARG A 256 -53.18 23.05 27.47
C ARG A 256 -51.68 22.97 27.24
N TYR A 257 -51.04 22.02 27.92
CA TYR A 257 -49.62 21.69 27.72
C TYR A 257 -49.53 20.42 26.86
N THR A 258 -48.68 20.43 25.84
CA THR A 258 -48.52 19.28 24.95
C THR A 258 -47.06 18.89 24.80
N CYS A 259 -46.78 17.58 24.75
CA CYS A 259 -45.43 17.05 24.51
C CYS A 259 -45.27 16.54 23.06
N HIS A 260 -44.19 16.92 22.38
CA HIS A 260 -44.08 16.65 20.93
C HIS A 260 -42.95 15.73 20.49
N VAL A 261 -43.29 14.47 20.26
CA VAL A 261 -42.32 13.43 19.90
C VAL A 261 -42.15 13.27 18.38
N GLN A 262 -40.91 13.37 17.89
CA GLN A 262 -40.63 12.99 16.50
C GLN A 262 -39.33 12.20 16.32
N HIS A 263 -39.39 11.25 15.40
CA HIS A 263 -38.40 10.20 15.25
C HIS A 263 -38.75 9.56 13.92
N GLU A 264 -37.78 8.99 13.21
CA GLU A 264 -38.06 8.46 11.87
C GLU A 264 -38.81 7.12 11.85
N GLY A 265 -39.06 6.56 13.02
CA GLY A 265 -40.03 5.49 13.20
C GLY A 265 -41.48 5.95 13.19
N LEU A 266 -41.70 7.24 13.42
CA LEU A 266 -43.05 7.78 13.48
C LEU A 266 -43.54 8.29 12.14
N PRO A 267 -44.65 7.72 11.65
CA PRO A 267 -45.29 8.26 10.46
C PRO A 267 -45.82 9.66 10.75
N LYS A 268 -46.44 9.82 11.91
CA LYS A 268 -46.90 11.12 12.36
C LYS A 268 -46.22 11.50 13.67
N PRO A 269 -45.61 12.70 13.71
CA PRO A 269 -45.03 13.37 14.88
C PRO A 269 -46.01 13.52 16.05
N LEU A 270 -45.86 12.67 17.06
CA LEU A 270 -46.87 12.47 18.10
C LEU A 270 -47.06 13.58 19.14
N THR A 271 -48.32 13.77 19.52
CA THR A 271 -48.72 14.67 20.60
C THR A 271 -49.15 13.79 21.79
N LEU A 272 -48.85 14.22 23.02
CA LEU A 272 -49.40 13.56 24.22
C LEU A 272 -49.64 14.53 25.40
N ARG A 273 -50.86 15.06 25.50
CA ARG A 273 -51.26 15.81 26.69
C ARG A 273 -51.74 14.84 27.78
N TRP A 274 -51.66 15.27 29.04
CA TRP A 274 -51.84 14.39 30.21
C TRP A 274 -53.29 13.92 30.42
N GLU A 275 -53.43 12.61 30.64
CA GLU A 275 -54.73 11.95 30.77
C GLU A 275 -55.47 12.26 32.09
N MET B 1 -5.20 22.36 29.12
CA MET B 1 -6.08 21.17 28.83
C MET B 1 -7.56 21.41 29.20
N ILE B 2 -8.42 20.38 29.18
CA ILE B 2 -9.86 20.58 29.37
C ILE B 2 -10.38 19.64 30.45
N GLN B 3 -11.23 20.12 31.34
CA GLN B 3 -11.83 19.25 32.36
CA GLN B 3 -11.83 19.25 32.35
C GLN B 3 -13.34 19.38 32.28
N ARG B 4 -14.04 18.27 32.08
CA ARG B 4 -15.51 18.32 32.18
C ARG B 4 -16.06 17.21 33.09
N THR B 5 -16.96 17.59 34.00
CA THR B 5 -17.69 16.66 34.91
C THR B 5 -18.71 15.75 34.20
N PRO B 6 -18.69 14.45 34.53
CA PRO B 6 -19.67 13.52 33.98
C PRO B 6 -21.12 13.78 34.41
N LYS B 7 -22.05 13.53 33.49
CA LYS B 7 -23.46 13.49 33.80
C LYS B 7 -23.65 12.02 34.04
N ILE B 8 -24.41 11.68 35.06
CA ILE B 8 -24.59 10.31 35.46
C ILE B 8 -26.08 10.09 35.36
N GLN B 9 -26.50 9.00 34.72
CA GLN B 9 -27.90 8.63 34.80
C GLN B 9 -27.85 7.17 35.23
N VAL B 10 -28.74 6.84 36.16
CA VAL B 10 -28.90 5.48 36.65
C VAL B 10 -30.34 5.16 36.37
N TYR B 11 -30.58 3.98 35.82
CA TYR B 11 -31.84 3.64 35.20
C TYR B 11 -31.77 2.18 34.79
N SER B 12 -32.92 1.64 34.36
CA SER B 12 -33.02 0.24 34.05
C SER B 12 -33.27 0.08 32.56
N ARG B 13 -32.98 -1.10 32.01
CA ARG B 13 -33.12 -1.36 30.58
C ARG B 13 -34.60 -1.48 30.23
N HIS B 14 -35.32 -2.21 31.06
CA HIS B 14 -36.75 -2.42 30.89
C HIS B 14 -37.49 -1.70 32.01
N PRO B 15 -38.81 -1.42 31.84
CA PRO B 15 -39.61 -1.02 33.00
C PRO B 15 -39.45 -1.99 34.18
N ALA B 16 -39.16 -1.44 35.34
CA ALA B 16 -38.92 -2.22 36.56
C ALA B 16 -40.17 -2.84 37.20
N GLU B 17 -40.28 -4.16 37.16
CA GLU B 17 -41.20 -4.84 38.03
C GLU B 17 -40.45 -5.81 38.94
N ASN B 18 -40.82 -5.80 40.21
CA ASN B 18 -40.17 -6.60 41.25
C ASN B 18 -40.21 -8.09 40.99
N GLY B 19 -39.13 -8.79 41.31
CA GLY B 19 -39.04 -10.23 41.06
C GLY B 19 -38.70 -10.59 39.61
N LYS B 20 -38.52 -9.61 38.75
CA LYS B 20 -38.30 -9.89 37.34
C LYS B 20 -36.92 -9.44 36.85
N SER B 21 -36.21 -10.38 36.24
CA SER B 21 -34.88 -10.19 35.66
C SER B 21 -34.82 -8.99 34.71
N ASN B 22 -33.75 -8.22 34.82
CA ASN B 22 -33.60 -6.94 34.15
C ASN B 22 -32.11 -6.56 34.14
N PHE B 23 -31.81 -5.33 33.72
CA PHE B 23 -30.46 -4.81 33.70
C PHE B 23 -30.43 -3.43 34.34
N LEU B 24 -29.45 -3.19 35.20
CA LEU B 24 -29.30 -1.88 35.80
C LEU B 24 -28.18 -1.17 35.12
N ASN B 25 -28.45 0.04 34.64
CA ASN B 25 -27.52 0.79 33.81
C ASN B 25 -27.05 2.02 34.52
N CYS B 26 -25.74 2.25 34.44
CA CYS B 26 -25.16 3.52 34.86
C CYS B 26 -24.45 4.09 33.63
N TYR B 27 -24.97 5.21 33.15
CA TYR B 27 -24.42 5.86 31.99
C TYR B 27 -23.81 7.19 32.40
N VAL B 28 -22.49 7.19 32.42
CA VAL B 28 -21.69 8.38 32.53
C VAL B 28 -21.25 8.96 31.16
N SER B 29 -21.44 10.27 31.03
CA SER B 29 -21.29 10.94 29.74
C SER B 29 -20.88 12.40 29.89
N GLY B 30 -20.23 12.94 28.87
CA GLY B 30 -19.90 14.35 28.86
C GLY B 30 -18.63 14.62 29.60
N PHE B 31 -17.81 13.58 29.80
CA PHE B 31 -16.63 13.78 30.62
C PHE B 31 -15.29 13.89 29.91
N HIS B 32 -14.33 14.49 30.64
CA HIS B 32 -12.96 14.67 30.18
C HIS B 32 -12.03 15.04 31.34
N PRO B 33 -10.89 14.34 31.50
CA PRO B 33 -10.27 13.25 30.74
C PRO B 33 -10.97 11.96 30.91
N SER B 34 -10.50 10.92 30.21
CA SER B 34 -11.19 9.63 30.22
C SER B 34 -11.03 8.81 31.50
N ASP B 35 -10.01 9.09 32.31
CA ASP B 35 -9.79 8.39 33.58
C ASP B 35 -11.01 8.58 34.50
N ILE B 36 -11.71 7.49 34.78
CA ILE B 36 -12.94 7.57 35.55
C ILE B 36 -13.16 6.28 36.32
N GLU B 37 -13.56 6.37 37.57
CA GLU B 37 -13.89 5.16 38.32
C GLU B 37 -15.42 5.04 38.40
N VAL B 38 -15.97 3.87 38.10
CA VAL B 38 -17.43 3.64 38.14
C VAL B 38 -17.73 2.27 38.75
N ASP B 39 -18.37 2.26 39.93
CA ASP B 39 -18.84 1.02 40.46
C ASP B 39 -20.35 1.02 40.62
N LEU B 40 -20.93 -0.16 40.51
CA LEU B 40 -22.35 -0.30 40.74
C LEU B 40 -22.56 -0.89 42.13
N LEU B 41 -23.40 -0.26 42.94
CA LEU B 41 -23.60 -0.68 44.33
C LEU B 41 -24.93 -1.36 44.62
N LYS B 42 -24.89 -2.47 45.36
CA LYS B 42 -26.11 -3.11 45.88
C LYS B 42 -26.09 -3.09 47.39
N ASN B 43 -27.01 -2.33 47.96
CA ASN B 43 -27.10 -2.06 49.39
C ASN B 43 -25.77 -1.58 49.94
N GLY B 44 -25.08 -0.78 49.12
CA GLY B 44 -23.81 -0.20 49.47
C GLY B 44 -22.58 -1.00 49.11
N GLU B 45 -22.75 -2.31 48.95
CA GLU B 45 -21.70 -3.19 48.44
C GLU B 45 -21.51 -3.06 46.92
N ARG B 46 -20.24 -3.02 46.50
CA ARG B 46 -19.79 -3.06 45.11
C ARG B 46 -20.23 -4.31 44.37
N ILE B 47 -20.90 -4.19 43.23
CA ILE B 47 -21.23 -5.38 42.44
C ILE B 47 -20.05 -5.69 41.52
N GLU B 48 -19.61 -6.95 41.50
CA GLU B 48 -18.48 -7.39 40.68
C GLU B 48 -18.87 -7.65 39.23
N LYS B 49 -19.92 -8.41 39.01
CA LYS B 49 -20.27 -8.84 37.66
C LYS B 49 -20.92 -7.69 36.88
N VAL B 50 -20.06 -6.77 36.45
CA VAL B 50 -20.47 -5.53 35.79
C VAL B 50 -19.68 -5.36 34.47
N GLU B 51 -20.40 -5.20 33.36
CA GLU B 51 -19.78 -4.95 32.07
C GLU B 51 -19.83 -3.46 31.83
N HIS B 52 -18.91 -3.00 30.98
CA HIS B 52 -19.01 -1.67 30.39
C HIS B 52 -18.74 -1.66 28.88
N SER B 53 -19.13 -0.57 28.24
CA SER B 53 -18.96 -0.45 26.83
C SER B 53 -17.53 0.01 26.51
N ASP B 54 -17.14 -0.12 25.25
CA ASP B 54 -15.92 0.51 24.75
C ASP B 54 -16.05 2.05 24.70
N LEU B 55 -14.99 2.73 25.13
CA LEU B 55 -14.99 4.20 25.26
C LEU B 55 -15.15 4.96 23.96
N SER B 56 -16.11 5.83 23.90
CA SER B 56 -16.22 6.63 22.71
C SER B 56 -16.45 8.05 23.10
N PHE B 57 -16.65 8.92 22.12
CA PHE B 57 -16.80 10.33 22.41
C PHE B 57 -17.76 10.97 21.50
N SER B 58 -18.18 12.20 21.83
CA SER B 58 -19.19 12.91 21.07
C SER B 58 -18.57 14.01 20.24
N LYS B 59 -19.40 14.78 19.55
CA LYS B 59 -18.95 15.93 18.77
C LYS B 59 -18.01 16.90 19.52
N ASP B 60 -18.24 17.16 20.80
CA ASP B 60 -17.34 18.01 21.61
C ASP B 60 -16.09 17.34 22.17
N TRP B 61 -15.79 16.13 21.70
CA TRP B 61 -14.70 15.26 22.22
C TRP B 61 -14.87 14.70 23.62
N SER B 62 -16.00 14.94 24.25
CA SER B 62 -16.20 14.43 25.61
C SER B 62 -16.53 12.96 25.59
N PHE B 63 -16.12 12.20 26.58
CA PHE B 63 -16.34 10.76 26.52
C PHE B 63 -17.69 10.33 27.08
N TYR B 64 -18.10 9.14 26.71
CA TYR B 64 -19.23 8.51 27.33
C TYR B 64 -18.98 7.02 27.44
N LEU B 65 -19.60 6.41 28.44
CA LEU B 65 -19.33 5.03 28.83
C LEU B 65 -20.64 4.54 29.47
N LEU B 66 -21.08 3.33 29.12
CA LEU B 66 -22.24 2.76 29.79
C LEU B 66 -21.79 1.56 30.59
N TYR B 67 -22.21 1.47 31.85
CA TYR B 67 -21.84 0.36 32.75
C TYR B 67 -23.13 -0.32 33.14
N TYR B 68 -23.12 -1.66 33.19
CA TYR B 68 -24.34 -2.38 33.24
C TYR B 68 -24.23 -3.75 33.87
N THR B 69 -25.31 -4.15 34.55
CA THR B 69 -25.30 -5.37 35.34
C THR B 69 -26.69 -6.03 35.39
N GLU B 70 -26.71 -7.35 35.31
CA GLU B 70 -27.98 -8.06 35.26
C GLU B 70 -28.52 -8.25 36.66
N PHE B 71 -29.66 -7.63 36.95
CA PHE B 71 -30.23 -7.70 38.28
C PHE B 71 -31.69 -8.16 38.34
N THR B 72 -32.13 -8.61 39.51
CA THR B 72 -33.55 -8.82 39.82
C THR B 72 -33.98 -7.90 40.98
N PRO B 73 -34.67 -6.78 40.66
CA PRO B 73 -35.15 -5.76 41.59
C PRO B 73 -36.22 -6.25 42.55
N THR B 74 -36.20 -5.75 43.78
CA THR B 74 -37.20 -6.07 44.80
C THR B 74 -37.62 -4.76 45.46
N GLU B 75 -38.49 -4.81 46.46
CA GLU B 75 -38.87 -3.59 47.18
C GLU B 75 -37.77 -3.10 48.15
N LYS B 76 -37.16 -4.03 48.88
CA LYS B 76 -36.12 -3.70 49.89
C LYS B 76 -34.74 -3.27 49.34
N ASP B 77 -34.31 -3.83 48.22
CA ASP B 77 -32.92 -3.65 47.72
C ASP B 77 -32.60 -2.29 47.12
N GLU B 78 -31.56 -1.64 47.64
CA GLU B 78 -31.14 -0.32 47.16
C GLU B 78 -30.00 -0.37 46.16
N TYR B 79 -30.17 0.29 45.02
CA TYR B 79 -29.16 0.25 43.96
C TYR B 79 -28.59 1.61 43.68
N ALA B 80 -27.27 1.71 43.61
CA ALA B 80 -26.67 2.99 43.30
C ALA B 80 -25.47 2.87 42.39
N CYS B 81 -25.05 3.99 41.85
CA CYS B 81 -23.86 4.02 41.03
C CYS B 81 -22.85 5.01 41.64
N ARG B 82 -21.61 4.59 41.80
CA ARG B 82 -20.62 5.45 42.44
C ARG B 82 -19.58 5.86 41.43
N VAL B 83 -19.46 7.16 41.19
CA VAL B 83 -18.53 7.67 40.20
C VAL B 83 -17.39 8.56 40.77
N ASN B 84 -16.17 8.41 40.23
CA ASN B 84 -15.02 9.22 40.63
C ASN B 84 -14.20 9.70 39.41
N HIS B 85 -13.73 10.93 39.49
CA HIS B 85 -13.19 11.65 38.36
C HIS B 85 -12.45 12.82 38.99
N VAL B 86 -11.42 13.37 38.35
CA VAL B 86 -10.75 14.57 38.91
C VAL B 86 -11.61 15.82 39.17
N THR B 87 -12.78 15.94 38.53
CA THR B 87 -13.59 17.12 38.68
C THR B 87 -14.40 17.03 39.96
N LEU B 88 -14.43 15.84 40.53
CA LEU B 88 -15.20 15.58 41.74
C LEU B 88 -14.36 15.62 43.02
N SER B 89 -14.63 16.59 43.90
CA SER B 89 -13.88 16.70 45.17
C SER B 89 -14.01 15.50 46.09
N GLN B 90 -15.10 14.76 45.94
CA GLN B 90 -15.30 13.49 46.61
C GLN B 90 -16.10 12.66 45.62
N PRO B 91 -15.99 11.33 45.65
CA PRO B 91 -16.78 10.58 44.70
C PRO B 91 -18.33 10.75 44.83
N LYS B 92 -19.02 10.79 43.70
CA LYS B 92 -20.46 11.02 43.63
C LYS B 92 -21.15 9.68 43.82
N ILE B 93 -22.21 9.64 44.61
CA ILE B 93 -23.09 8.47 44.68
C ILE B 93 -24.45 8.85 44.13
N VAL B 94 -24.91 8.11 43.14
CA VAL B 94 -26.22 8.39 42.56
C VAL B 94 -27.12 7.17 42.69
N LYS B 95 -28.16 7.30 43.51
CA LYS B 95 -29.10 6.22 43.83
C LYS B 95 -30.00 6.00 42.65
N TRP B 96 -30.36 4.76 42.37
CA TRP B 96 -31.36 4.47 41.35
C TRP B 96 -32.79 4.90 41.74
N ASP B 97 -33.35 5.86 41.03
CA ASP B 97 -34.78 6.11 41.13
C ASP B 97 -35.48 5.34 40.04
N ARG B 98 -36.54 4.64 40.44
CA ARG B 98 -37.27 3.74 39.55
C ARG B 98 -38.18 4.42 38.52
N ASP B 99 -38.60 5.67 38.79
CA ASP B 99 -39.37 6.47 37.81
C ASP B 99 -38.55 7.66 37.32
N MET B 100 -37.31 7.37 36.91
CA MET B 100 -36.32 8.33 36.42
C MET B 100 -35.29 7.60 35.51
N LEU C 1 -14.52 -0.70 7.41
CA LEU C 1 -13.11 -0.89 6.95
C LEU C 1 -12.26 0.35 7.21
N GLY C 2 -11.22 0.19 8.03
CA GLY C 2 -10.43 1.33 8.47
C GLY C 2 -9.47 1.87 7.42
N TYR C 3 -8.88 3.02 7.74
CA TYR C 3 -8.08 3.77 6.80
C TYR C 3 -6.69 3.24 6.79
N GLY C 4 -6.17 2.93 5.62
CA GLY C 4 -4.90 2.22 5.57
C GLY C 4 -3.61 3.04 5.62
N PHE C 5 -3.72 4.36 5.70
CA PHE C 5 -2.52 5.19 5.59
C PHE C 5 -2.45 6.30 6.63
N VAL C 6 -2.48 5.93 7.91
CA VAL C 6 -2.39 6.91 9.00
C VAL C 6 -1.00 7.43 9.21
N ASN C 7 -0.88 8.73 9.35
CA ASN C 7 0.42 9.37 9.46
C ASN C 7 0.64 10.00 10.81
N TYR C 8 1.85 10.47 11.06
CA TYR C 8 2.13 11.16 12.28
C TYR C 8 1.60 12.59 12.26
N ILE C 9 1.30 13.13 13.43
CA ILE C 9 1.12 14.58 13.62
C ILE C 9 2.44 15.30 13.27
N LYS D 1 -2.18 -17.58 -5.02
CA LYS D 1 -1.76 -16.53 -6.01
C LYS D 1 -2.59 -15.29 -5.76
N GLU D 2 -2.04 -14.37 -4.98
CA GLU D 2 -2.76 -13.18 -4.53
C GLU D 2 -3.10 -12.22 -5.67
N VAL D 3 -2.08 -11.89 -6.46
CA VAL D 3 -2.25 -10.98 -7.59
C VAL D 3 -2.04 -11.71 -8.93
N GLU D 4 -3.09 -11.77 -9.74
CA GLU D 4 -3.07 -12.54 -10.99
C GLU D 4 -2.82 -11.66 -12.22
N GLN D 5 -1.77 -11.93 -12.96
CA GLN D 5 -1.49 -11.04 -14.08
C GLN D 5 -1.37 -11.74 -15.41
N ASN D 6 -1.96 -11.12 -16.44
CA ASN D 6 -1.65 -11.29 -17.89
C ASN D 6 -0.42 -12.10 -18.28
N SER D 7 -0.64 -13.22 -18.98
CA SER D 7 0.39 -14.22 -19.16
C SER D 7 1.65 -13.74 -19.90
N GLY D 8 1.51 -13.51 -21.21
CA GLY D 8 2.59 -12.94 -22.01
C GLY D 8 3.42 -13.94 -22.81
N PRO D 9 4.26 -13.45 -23.75
CA PRO D 9 4.57 -12.06 -24.02
C PRO D 9 3.52 -11.35 -24.88
N LEU D 10 3.60 -10.03 -24.93
CA LEU D 10 2.59 -9.24 -25.60
C LEU D 10 3.26 -8.34 -26.63
N SER D 11 3.05 -8.65 -27.92
CA SER D 11 3.69 -7.90 -28.98
C SER D 11 2.73 -6.91 -29.58
N VAL D 12 3.17 -5.66 -29.67
CA VAL D 12 2.37 -4.55 -30.17
C VAL D 12 3.28 -3.70 -31.06
N PRO D 13 2.81 -3.29 -32.22
CA PRO D 13 3.68 -2.44 -33.02
C PRO D 13 3.64 -0.99 -32.65
N GLU D 14 4.58 -0.22 -33.17
CA GLU D 14 4.73 1.15 -32.68
C GLU D 14 3.65 2.16 -33.14
N GLY D 15 3.13 2.90 -32.17
CA GLY D 15 2.03 3.80 -32.37
C GLY D 15 0.74 3.19 -31.84
N ALA D 16 0.76 1.88 -31.58
CA ALA D 16 -0.44 1.19 -31.12
C ALA D 16 -0.57 1.18 -29.63
N ILE D 17 -1.69 0.61 -29.18
CA ILE D 17 -2.03 0.56 -27.78
C ILE D 17 -1.79 -0.81 -27.11
N ALA D 18 -0.92 -0.81 -26.08
CA ALA D 18 -0.78 -1.98 -25.21
C ALA D 18 -1.70 -1.89 -23.98
N SER D 19 -2.66 -2.78 -23.85
CA SER D 19 -3.46 -2.81 -22.62
C SER D 19 -3.04 -3.98 -21.76
N LEU D 20 -2.79 -3.67 -20.50
CA LEU D 20 -2.37 -4.67 -19.56
C LEU D 20 -3.43 -4.75 -18.49
N ASN D 21 -3.68 -5.93 -17.94
CA ASN D 21 -4.61 -6.09 -16.82
C ASN D 21 -3.93 -6.78 -15.68
N CYS D 22 -4.51 -6.63 -14.49
CA CYS D 22 -4.33 -7.61 -13.42
C CYS D 22 -5.51 -7.68 -12.46
N THR D 23 -5.62 -8.82 -11.81
CA THR D 23 -6.68 -9.07 -10.88
C THR D 23 -6.08 -9.34 -9.50
N TYR D 24 -6.65 -8.76 -8.43
CA TYR D 24 -6.18 -9.02 -7.05
C TYR D 24 -7.28 -9.64 -6.23
N SER D 25 -6.92 -10.24 -5.10
CA SER D 25 -7.89 -11.04 -4.35
C SER D 25 -7.95 -10.69 -2.88
N ASP D 26 -8.12 -9.41 -2.57
CA ASP D 26 -8.35 -8.96 -1.21
C ASP D 26 -9.14 -7.71 -1.42
N ARG D 27 -10.41 -7.73 -1.03
CA ARG D 27 -11.32 -6.63 -1.25
C ARG D 27 -10.94 -5.34 -0.50
N GLY D 28 -10.08 -5.47 0.52
CA GLY D 28 -9.82 -4.40 1.43
C GLY D 28 -8.68 -3.57 0.94
N SER D 29 -8.05 -4.06 -0.14
CA SER D 29 -6.97 -3.36 -0.85
C SER D 29 -7.22 -1.90 -1.13
N GLN D 30 -6.23 -1.06 -0.84
CA GLN D 30 -6.41 0.38 -0.94
C GLN D 30 -5.33 1.05 -1.76
N SER D 31 -4.37 0.28 -2.24
CA SER D 31 -3.30 0.86 -3.04
C SER D 31 -2.86 0.04 -4.19
N PHE D 32 -2.71 0.71 -5.32
CA PHE D 32 -2.58 0.07 -6.61
C PHE D 32 -1.47 0.72 -7.46
N PHE D 33 -0.51 -0.09 -7.92
CA PHE D 33 0.69 0.48 -8.58
C PHE D 33 1.05 -0.25 -9.85
N TRP D 34 1.64 0.48 -10.79
CA TRP D 34 2.27 -0.18 -11.95
C TRP D 34 3.75 0.13 -11.97
N TYR D 35 4.55 -0.93 -12.10
CA TYR D 35 5.99 -0.80 -12.21
C TYR D 35 6.46 -1.11 -13.61
N ARG D 36 7.44 -0.37 -14.11
CA ARG D 36 8.13 -0.76 -15.37
C ARG D 36 9.54 -1.29 -15.15
N GLN D 37 9.81 -2.53 -15.56
CA GLN D 37 11.14 -3.12 -15.37
C GLN D 37 11.83 -3.49 -16.68
N TYR D 38 12.83 -2.70 -17.08
CA TYR D 38 13.61 -3.04 -18.27
C TYR D 38 14.52 -4.22 -17.95
N SER D 39 14.88 -4.99 -18.96
CA SER D 39 15.72 -6.17 -18.79
C SER D 39 17.09 -5.90 -18.20
N GLY D 40 17.39 -6.49 -17.05
CA GLY D 40 18.70 -6.35 -16.45
C GLY D 40 18.79 -5.20 -15.48
N LYS D 41 17.67 -4.54 -15.21
CA LYS D 41 17.63 -3.49 -14.18
C LYS D 41 16.41 -3.53 -13.24
N SER D 42 16.23 -2.48 -12.43
CA SER D 42 15.29 -2.51 -11.31
C SER D 42 13.91 -2.07 -11.71
N PRO D 43 12.86 -2.53 -11.02
CA PRO D 43 11.55 -2.04 -11.32
C PRO D 43 11.44 -0.58 -11.02
N GLU D 44 10.98 0.20 -11.99
CA GLU D 44 10.77 1.61 -11.80
C GLU D 44 9.28 1.85 -11.70
N LEU D 45 8.84 2.76 -10.85
CA LEU D 45 7.44 2.98 -10.63
C LEU D 45 6.94 4.00 -11.62
N ILE D 46 5.83 3.74 -12.26
CA ILE D 46 5.38 4.66 -13.29
C ILE D 46 4.01 5.26 -13.01
N MET D 47 3.13 4.51 -12.34
CA MET D 47 1.75 4.96 -12.14
C MET D 47 1.25 4.46 -10.77
N SER D 48 0.69 5.36 -9.98
CA SER D 48 -0.04 5.00 -8.75
C SER D 48 -1.50 5.39 -8.89
N ILE D 49 -2.42 4.52 -8.46
CA ILE D 49 -3.82 4.90 -8.49
C ILE D 49 -4.49 4.56 -7.15
N TYR D 50 -5.35 5.45 -6.66
CA TYR D 50 -5.99 5.20 -5.36
C TYR D 50 -7.52 5.15 -5.38
N SER D 51 -8.17 5.62 -6.43
CA SER D 51 -9.62 5.59 -6.45
C SER D 51 -10.15 5.09 -7.78
N ASN D 52 -11.40 4.63 -7.79
CA ASN D 52 -12.08 4.14 -8.99
C ASN D 52 -12.03 5.12 -10.13
N GLY D 53 -11.89 4.60 -11.34
CA GLY D 53 -11.88 5.45 -12.52
C GLY D 53 -10.49 5.52 -13.08
N ASP D 54 -10.17 6.65 -13.72
CA ASP D 54 -9.00 6.76 -14.59
C ASP D 54 -7.98 7.77 -14.13
N LYS D 55 -6.71 7.42 -14.20
CA LYS D 55 -5.70 8.41 -13.95
C LYS D 55 -4.83 8.49 -15.18
N GLU D 56 -4.58 9.71 -15.64
CA GLU D 56 -3.77 9.87 -16.84
C GLU D 56 -2.47 10.61 -16.60
N ASP D 57 -1.34 10.00 -16.94
CA ASP D 57 -0.09 10.75 -16.96
C ASP D 57 0.76 10.49 -18.20
N GLY D 58 0.65 11.41 -19.16
CA GLY D 58 1.39 11.29 -20.41
C GLY D 58 0.73 10.23 -21.28
N ARG D 59 1.54 9.28 -21.73
CA ARG D 59 1.03 8.24 -22.62
C ARG D 59 0.41 7.09 -21.82
N PHE D 60 0.54 7.14 -20.49
CA PHE D 60 -0.07 6.14 -19.59
C PHE D 60 -1.48 6.50 -19.08
N THR D 61 -2.31 5.48 -18.95
CA THR D 61 -3.55 5.59 -18.22
C THR D 61 -3.75 4.32 -17.44
N ALA D 62 -3.95 4.46 -16.13
CA ALA D 62 -4.37 3.34 -15.30
C ALA D 62 -5.86 3.41 -15.04
N GLN D 63 -6.54 2.27 -15.00
CA GLN D 63 -7.94 2.26 -14.55
C GLN D 63 -8.08 1.39 -13.33
N LEU D 64 -8.96 1.81 -12.44
CA LEU D 64 -9.28 0.99 -11.29
C LEU D 64 -10.76 0.67 -11.23
N ASN D 65 -11.06 -0.61 -11.01
CA ASN D 65 -12.41 -1.06 -10.72
C ASN D 65 -12.39 -1.91 -9.45
N LYS D 66 -12.63 -1.28 -8.30
CA LYS D 66 -12.60 -1.97 -6.99
C LYS D 66 -13.70 -3.04 -6.83
N ALA D 67 -14.85 -2.84 -7.49
CA ALA D 67 -15.92 -3.82 -7.56
C ALA D 67 -15.49 -5.13 -8.25
N SER D 68 -14.76 -4.99 -9.35
CA SER D 68 -14.35 -6.12 -10.16
C SER D 68 -13.02 -6.66 -9.74
N GLN D 69 -12.33 -5.85 -8.93
CA GLN D 69 -11.00 -6.11 -8.40
C GLN D 69 -10.00 -6.23 -9.53
N TYR D 70 -9.86 -5.11 -10.23
CA TYR D 70 -9.26 -5.10 -11.52
C TYR D 70 -8.47 -3.83 -11.67
N VAL D 71 -7.19 -3.96 -11.98
CA VAL D 71 -6.32 -2.82 -12.25
C VAL D 71 -5.80 -2.97 -13.65
N SER D 72 -5.79 -1.88 -14.40
CA SER D 72 -5.30 -1.98 -15.75
C SER D 72 -4.42 -0.82 -16.10
N LEU D 73 -3.72 -0.94 -17.22
CA LEU D 73 -2.80 0.09 -17.71
C LEU D 73 -2.83 0.07 -19.22
N LEU D 74 -3.20 1.22 -19.80
CA LEU D 74 -3.11 1.39 -21.25
C LEU D 74 -1.89 2.29 -21.58
N ILE D 75 -1.22 1.98 -22.67
CA ILE D 75 -0.07 2.75 -23.13
C ILE D 75 -0.40 3.17 -24.53
N ARG D 76 -0.89 4.40 -24.72
CA ARG D 76 -1.18 4.90 -26.07
C ARG D 76 0.13 5.28 -26.73
N ASP D 77 0.18 5.13 -28.06
CA ASP D 77 1.23 5.72 -28.90
C ASP D 77 2.59 5.16 -28.51
N SER D 78 2.75 3.86 -28.72
CA SER D 78 3.93 3.11 -28.28
C SER D 78 5.24 3.51 -28.95
N GLN D 79 6.29 3.56 -28.13
CA GLN D 79 7.66 3.69 -28.59
C GLN D 79 8.25 2.30 -28.43
N PRO D 80 9.26 1.95 -29.25
CA PRO D 80 10.01 0.68 -29.04
C PRO D 80 10.81 0.61 -27.74
N SER D 81 10.94 1.74 -27.06
CA SER D 81 11.58 1.82 -25.77
C SER D 81 10.57 1.71 -24.64
N ASP D 82 9.36 1.24 -24.95
CA ASP D 82 8.42 0.92 -23.90
C ASP D 82 8.51 -0.55 -23.69
N SER D 83 9.32 -1.22 -24.51
CA SER D 83 9.52 -2.65 -24.38
C SER D 83 10.21 -2.97 -23.07
N ALA D 84 9.53 -3.80 -22.28
CA ALA D 84 9.84 -4.04 -20.88
C ALA D 84 8.84 -5.02 -20.32
N THR D 85 9.06 -5.43 -19.09
CA THR D 85 8.01 -6.15 -18.40
C THR D 85 7.35 -5.27 -17.35
N TYR D 86 6.02 -5.36 -17.29
CA TYR D 86 5.22 -4.48 -16.47
C TYR D 86 4.55 -5.25 -15.34
N LEU D 87 4.89 -4.90 -14.09
CA LEU D 87 4.37 -5.57 -12.86
C LEU D 87 3.28 -4.71 -12.20
N CYS D 88 2.12 -5.30 -11.89
CA CYS D 88 1.21 -4.63 -10.99
C CYS D 88 1.43 -4.99 -9.50
N ALA D 89 1.35 -3.95 -8.67
CA ALA D 89 1.51 -4.16 -7.25
C ALA D 89 0.29 -3.67 -6.53
N VAL D 90 -0.14 -4.41 -5.51
CA VAL D 90 -1.36 -4.09 -4.75
C VAL D 90 -1.11 -4.12 -3.19
N THR D 91 -1.56 -3.13 -2.44
CA THR D 91 -1.49 -3.23 -0.97
C THR D 91 -2.69 -2.76 -0.21
N THR D 92 -2.75 -3.19 1.04
CA THR D 92 -3.89 -2.87 1.91
C THR D 92 -3.70 -1.66 2.79
N ASP D 93 -2.50 -1.49 3.32
CA ASP D 93 -2.22 -0.44 4.28
C ASP D 93 -0.71 -0.20 4.30
N SER D 94 -0.27 0.81 5.07
CA SER D 94 1.17 1.10 5.17
C SER D 94 1.98 -0.05 5.72
N TRP D 95 1.34 -0.95 6.45
CA TRP D 95 2.08 -2.03 7.06
C TRP D 95 1.81 -3.36 6.35
N GLY D 96 0.91 -3.33 5.37
CA GLY D 96 0.68 -4.50 4.52
C GLY D 96 1.80 -4.65 3.51
N LYS D 97 2.34 -5.87 3.40
CA LYS D 97 3.17 -6.31 2.25
C LYS D 97 2.63 -5.87 0.88
N LEU D 98 3.55 -5.45 0.02
CA LEU D 98 3.22 -5.10 -1.33
C LEU D 98 3.12 -6.35 -2.18
N GLN D 99 1.93 -6.63 -2.67
CA GLN D 99 1.68 -7.84 -3.42
C GLN D 99 1.90 -7.64 -4.93
N PHE D 100 2.80 -8.43 -5.52
CA PHE D 100 3.27 -8.23 -6.87
C PHE D 100 2.70 -9.29 -7.76
N GLY D 101 2.31 -8.93 -8.97
CA GLY D 101 1.97 -9.97 -9.94
C GLY D 101 3.22 -10.53 -10.61
N ALA D 102 3.07 -11.55 -11.44
CA ALA D 102 4.24 -12.14 -12.10
C ALA D 102 4.86 -11.20 -13.15
N GLY D 103 4.02 -10.41 -13.80
CA GLY D 103 4.49 -9.46 -14.78
C GLY D 103 4.10 -9.92 -16.16
N THR D 104 3.70 -8.95 -16.97
CA THR D 104 3.50 -9.19 -18.38
C THR D 104 4.66 -8.57 -19.17
N GLN D 105 5.35 -9.40 -19.95
CA GLN D 105 6.37 -8.90 -20.86
C GLN D 105 5.77 -8.27 -22.11
N VAL D 106 6.08 -7.00 -22.34
CA VAL D 106 5.53 -6.26 -23.47
C VAL D 106 6.64 -5.91 -24.45
N VAL D 107 6.51 -6.40 -25.69
CA VAL D 107 7.50 -6.14 -26.75
C VAL D 107 6.94 -5.16 -27.79
N VAL D 108 7.55 -3.98 -27.90
CA VAL D 108 7.14 -3.06 -28.96
C VAL D 108 8.00 -3.15 -30.23
N THR D 109 7.39 -3.58 -31.33
CA THR D 109 8.05 -3.78 -32.64
C THR D 109 7.98 -2.53 -33.54
N PRO D 110 9.09 -2.19 -34.20
CA PRO D 110 9.24 -1.08 -35.16
C PRO D 110 8.47 -1.26 -36.47
N ASP D 111 8.04 -0.12 -37.04
CA ASP D 111 7.49 -0.07 -38.38
C ASP D 111 8.64 -0.15 -39.34
N ILE D 112 8.74 -1.24 -40.07
CA ILE D 112 9.78 -1.26 -41.06
C ILE D 112 9.04 -1.14 -42.40
N GLN D 113 9.11 0.07 -42.95
CA GLN D 113 8.29 0.51 -44.09
C GLN D 113 8.39 -0.38 -45.32
N ASN D 114 9.59 -0.63 -45.79
CA ASN D 114 9.76 -1.69 -46.75
C ASN D 114 11.01 -2.54 -46.52
N PRO D 115 10.78 -3.74 -45.96
CA PRO D 115 11.71 -4.80 -45.63
C PRO D 115 12.65 -5.10 -46.77
N ASP D 116 13.82 -5.54 -46.38
CA ASP D 116 14.83 -5.89 -47.32
C ASP D 116 15.56 -7.08 -46.71
N PRO D 117 14.87 -8.26 -46.57
CA PRO D 117 15.46 -9.36 -45.80
C PRO D 117 16.72 -9.87 -46.46
N ALA D 118 17.75 -10.14 -45.65
CA ALA D 118 19.09 -10.39 -46.16
C ALA D 118 19.98 -11.09 -45.14
N VAL D 119 20.77 -12.07 -45.59
CA VAL D 119 21.78 -12.70 -44.73
C VAL D 119 23.21 -12.41 -45.23
N TYR D 120 24.02 -11.76 -44.40
CA TYR D 120 25.39 -11.41 -44.76
C TYR D 120 26.42 -12.22 -43.99
N GLN D 121 27.61 -12.36 -44.58
CA GLN D 121 28.71 -13.07 -43.93
C GLN D 121 29.73 -12.03 -43.48
N LEU D 122 30.02 -11.99 -42.18
CA LEU D 122 30.92 -10.95 -41.69
C LEU D 122 32.28 -11.55 -41.37
N ARG D 123 33.31 -11.00 -42.02
CA ARG D 123 34.65 -11.47 -41.78
C ARG D 123 35.23 -10.89 -40.51
N ASP D 124 35.99 -11.71 -39.81
CA ASP D 124 36.65 -11.30 -38.60
C ASP D 124 37.85 -10.43 -38.92
N SER D 125 38.03 -9.34 -38.16
CA SER D 125 39.10 -8.40 -38.47
C SER D 125 40.39 -8.57 -37.66
N LYS D 126 40.68 -9.77 -37.16
CA LYS D 126 41.81 -9.84 -36.23
C LYS D 126 43.06 -10.73 -36.54
N SER D 127 43.08 -12.05 -36.27
CA SER D 127 41.94 -13.00 -36.26
C SER D 127 41.23 -13.43 -34.94
N SER D 128 40.24 -14.30 -35.14
CA SER D 128 39.50 -15.02 -34.08
C SER D 128 39.40 -16.49 -34.55
N ASP D 129 38.35 -17.21 -34.14
CA ASP D 129 38.17 -18.61 -34.58
C ASP D 129 36.76 -18.93 -35.12
N LYS D 130 36.13 -17.94 -35.72
CA LYS D 130 34.77 -18.06 -36.26
C LYS D 130 34.47 -17.01 -37.34
N SER D 131 33.29 -17.13 -37.94
CA SER D 131 32.71 -16.03 -38.69
C SER D 131 31.26 -15.82 -38.26
N VAL D 132 30.67 -14.74 -38.74
CA VAL D 132 29.38 -14.34 -38.24
C VAL D 132 28.37 -14.21 -39.38
N CYS D 133 27.20 -14.83 -39.21
CA CYS D 133 26.06 -14.62 -40.09
C CYS D 133 25.07 -13.60 -39.52
N LEU D 134 24.79 -12.57 -40.30
CA LEU D 134 23.90 -11.52 -39.87
C LEU D 134 22.62 -11.53 -40.71
N PHE D 135 21.51 -11.92 -40.10
CA PHE D 135 20.21 -11.81 -40.71
C PHE D 135 19.77 -10.41 -40.40
N THR D 136 19.50 -9.57 -41.40
CA THR D 136 19.08 -8.21 -41.09
C THR D 136 18.02 -7.69 -42.04
N ASP D 137 17.45 -6.52 -41.67
CA ASP D 137 16.51 -5.71 -42.47
C ASP D 137 15.22 -6.46 -42.83
N PHE D 138 14.92 -7.46 -42.01
CA PHE D 138 13.77 -8.30 -42.20
C PHE D 138 12.56 -7.72 -41.49
N ASP D 139 11.49 -8.51 -41.50
CA ASP D 139 10.16 -8.12 -41.06
C ASP D 139 9.94 -8.18 -39.54
N SER D 140 9.18 -7.23 -39.01
CA SER D 140 8.74 -7.27 -37.60
C SER D 140 7.77 -8.46 -37.36
N GLN D 141 7.18 -8.97 -38.44
CA GLN D 141 6.39 -10.21 -38.44
C GLN D 141 7.21 -11.50 -38.32
N THR D 142 8.52 -11.40 -38.57
CA THR D 142 9.39 -12.58 -38.64
C THR D 142 10.03 -12.94 -37.30
N ASN D 143 9.89 -14.19 -36.90
CA ASN D 143 10.56 -14.72 -35.72
C ASN D 143 11.85 -15.41 -36.12
N VAL D 144 12.90 -15.28 -35.30
CA VAL D 144 14.09 -16.11 -35.49
C VAL D 144 14.12 -17.26 -34.48
N SER D 145 14.35 -18.48 -34.97
CA SER D 145 14.37 -19.67 -34.11
C SER D 145 15.77 -20.24 -33.94
N GLN D 146 16.10 -20.62 -32.71
CA GLN D 146 17.46 -21.03 -32.41
C GLN D 146 17.76 -22.50 -32.66
N SER D 147 18.53 -23.05 -31.73
CA SER D 147 19.30 -24.25 -31.97
C SER D 147 18.50 -25.55 -31.97
N LYS D 148 18.53 -26.22 -33.12
CA LYS D 148 18.29 -27.65 -33.19
C LYS D 148 19.62 -28.31 -32.87
N ASP D 149 20.67 -27.95 -33.61
CA ASP D 149 22.00 -28.51 -33.37
C ASP D 149 22.72 -27.79 -32.24
N SER D 150 23.64 -28.51 -31.59
CA SER D 150 24.24 -28.06 -30.33
C SER D 150 25.25 -26.90 -30.48
N ASP D 151 26.00 -26.90 -31.60
CA ASP D 151 27.15 -26.01 -31.76
C ASP D 151 26.82 -24.67 -32.41
N VAL D 152 25.61 -24.53 -32.92
CA VAL D 152 25.22 -23.28 -33.59
C VAL D 152 24.54 -22.30 -32.62
N TYR D 153 25.12 -21.12 -32.47
CA TYR D 153 24.62 -20.12 -31.53
C TYR D 153 23.91 -18.99 -32.27
N ILE D 154 22.60 -18.91 -32.10
CA ILE D 154 21.83 -17.83 -32.71
C ILE D 154 21.25 -16.93 -31.62
N THR D 155 21.50 -15.63 -31.71
CA THR D 155 20.89 -14.68 -30.77
C THR D 155 19.42 -14.43 -31.06
N ASP D 156 18.70 -13.89 -30.09
CA ASP D 156 17.37 -13.39 -30.39
C ASP D 156 17.43 -12.07 -31.17
N LYS D 157 16.32 -11.77 -31.82
CA LYS D 157 16.18 -10.62 -32.68
C LYS D 157 16.11 -9.33 -31.87
N THR D 158 16.86 -8.31 -32.28
CA THR D 158 16.73 -6.98 -31.68
C THR D 158 16.65 -5.90 -32.76
N VAL D 159 16.26 -4.69 -32.35
CA VAL D 159 16.14 -3.55 -33.25
C VAL D 159 17.19 -2.48 -32.97
N LEU D 160 17.83 -1.95 -34.02
CA LEU D 160 18.62 -0.73 -33.86
C LEU D 160 17.90 0.53 -34.38
N ASP D 161 18.34 1.71 -33.95
CA ASP D 161 17.79 2.99 -34.44
C ASP D 161 18.91 3.96 -34.85
N MET D 162 19.17 4.02 -36.15
CA MET D 162 20.12 5.00 -36.68
C MET D 162 19.45 6.36 -36.74
N ARG D 163 19.72 7.21 -35.77
CA ARG D 163 19.07 8.52 -35.72
C ARG D 163 19.64 9.56 -36.70
N SER D 164 19.55 9.27 -37.99
CA SER D 164 19.94 10.20 -39.04
C SER D 164 19.05 10.01 -40.26
N MET D 165 18.86 8.75 -40.68
CA MET D 165 17.87 8.42 -41.69
C MET D 165 16.46 8.26 -41.05
N ASP D 166 16.45 8.16 -39.70
CA ASP D 166 15.39 7.52 -38.94
C ASP D 166 15.21 6.18 -39.61
N PHE D 167 16.22 5.34 -39.46
CA PHE D 167 16.18 4.00 -39.98
C PHE D 167 16.21 3.02 -38.83
N LYS D 168 15.04 2.46 -38.53
CA LYS D 168 14.95 1.32 -37.67
C LYS D 168 15.22 0.10 -38.54
N SER D 169 15.96 -0.86 -38.02
CA SER D 169 16.10 -2.15 -38.68
C SER D 169 16.25 -3.26 -37.67
N ASN D 170 15.57 -4.38 -37.94
CA ASN D 170 15.73 -5.58 -37.15
C ASN D 170 16.98 -6.28 -37.57
N SER D 171 17.55 -7.04 -36.65
CA SER D 171 18.73 -7.81 -36.95
C SER D 171 18.75 -8.99 -36.01
N ALA D 172 19.46 -10.04 -36.41
CA ALA D 172 19.65 -11.23 -35.59
C ALA D 172 20.98 -11.84 -36.01
N VAL D 173 21.71 -12.47 -35.09
CA VAL D 173 23.06 -12.96 -35.41
C VAL D 173 23.19 -14.46 -35.16
N ALA D 174 23.76 -15.19 -36.11
CA ALA D 174 24.14 -16.57 -35.89
C ALA D 174 25.64 -16.78 -36.13
N TRP D 175 26.33 -17.44 -35.19
CA TRP D 175 27.71 -17.87 -35.43
C TRP D 175 27.90 -19.31 -34.98
N SER D 176 29.00 -19.91 -35.43
CA SER D 176 29.37 -21.27 -35.06
C SER D 176 30.85 -21.45 -35.32
N ASN D 177 31.33 -22.70 -35.23
CA ASN D 177 32.76 -22.97 -35.36
C ASN D 177 33.16 -24.27 -36.07
N LYS D 178 33.32 -25.34 -35.28
CA LYS D 178 33.98 -26.59 -35.73
C LYS D 178 33.19 -27.51 -36.69
N SER D 179 32.55 -26.93 -37.69
CA SER D 179 31.67 -27.68 -38.59
C SER D 179 31.85 -27.31 -40.05
N ASP D 180 30.90 -27.76 -40.87
CA ASP D 180 30.72 -27.23 -42.20
C ASP D 180 29.57 -26.24 -42.07
N PHE D 181 29.89 -24.95 -42.05
CA PHE D 181 28.90 -23.94 -41.70
C PHE D 181 29.00 -22.70 -42.57
N ALA D 182 27.92 -22.37 -43.25
CA ALA D 182 27.83 -21.14 -44.04
C ALA D 182 26.51 -20.43 -43.72
N CYS D 183 26.38 -19.21 -44.24
CA CYS D 183 25.24 -18.36 -43.91
C CYS D 183 23.96 -18.71 -44.65
N ALA D 184 24.05 -19.63 -45.61
CA ALA D 184 22.90 -20.13 -46.34
C ALA D 184 22.04 -21.07 -45.48
N ASN D 185 22.70 -21.90 -44.68
CA ASN D 185 22.01 -22.89 -43.86
C ASN D 185 22.05 -22.57 -42.36
N ALA D 186 21.93 -21.28 -42.02
CA ALA D 186 22.07 -20.85 -40.62
C ALA D 186 20.74 -20.51 -40.00
N PHE D 187 19.75 -20.27 -40.85
CA PHE D 187 18.42 -19.95 -40.42
C PHE D 187 17.44 -20.88 -41.13
N ASN D 188 17.87 -22.14 -41.30
CA ASN D 188 17.07 -23.17 -41.96
C ASN D 188 15.89 -23.64 -41.12
N ASN D 189 16.08 -23.64 -39.80
CA ASN D 189 15.00 -23.97 -38.88
C ASN D 189 14.25 -22.74 -38.37
N SER D 190 14.35 -21.64 -39.10
CA SER D 190 13.57 -20.43 -38.84
C SER D 190 12.72 -20.14 -40.09
N ILE D 191 11.50 -19.64 -39.89
CA ILE D 191 10.67 -19.29 -41.05
C ILE D 191 11.03 -17.91 -41.62
N ILE D 192 12.04 -17.93 -42.50
CA ILE D 192 12.57 -16.73 -43.15
C ILE D 192 11.75 -16.45 -44.43
N PRO D 193 11.56 -15.16 -44.81
CA PRO D 193 10.76 -14.81 -45.99
C PRO D 193 11.26 -15.38 -47.33
N GLU D 194 10.36 -15.41 -48.31
CA GLU D 194 10.63 -15.95 -49.65
C GLU D 194 11.74 -15.23 -50.40
N ASP D 195 11.79 -13.91 -50.22
CA ASP D 195 12.70 -13.07 -50.97
C ASP D 195 13.84 -12.57 -50.08
N THR D 196 14.43 -13.47 -49.29
CA THR D 196 15.61 -13.10 -48.50
C THR D 196 16.83 -13.11 -49.41
N PHE D 197 17.51 -11.97 -49.52
CA PHE D 197 18.70 -11.81 -50.36
C PHE D 197 19.91 -12.59 -49.82
N PHE D 198 20.34 -13.62 -50.55
CA PHE D 198 21.60 -14.31 -50.23
C PHE D 198 22.64 -13.99 -51.29
N PRO D 199 23.67 -13.21 -50.93
CA PRO D 199 24.81 -13.06 -51.81
C PRO D 199 25.66 -14.33 -51.83
N SER D 200 26.34 -14.59 -52.95
CA SER D 200 27.18 -15.78 -53.06
C SER D 200 28.63 -15.48 -52.71
N ASN E 1 16.98 12.81 -2.42
CA ASN E 1 17.32 13.09 -3.86
C ASN E 1 18.27 12.06 -4.53
N ALA E 2 18.76 11.10 -3.76
CA ALA E 2 19.55 10.00 -4.31
C ALA E 2 18.74 8.73 -4.28
N GLY E 3 17.56 8.78 -3.63
CA GLY E 3 16.64 7.65 -3.51
C GLY E 3 17.23 6.46 -2.78
N VAL E 4 16.95 5.27 -3.27
CA VAL E 4 17.59 4.06 -2.76
C VAL E 4 18.85 3.77 -3.55
N THR E 5 19.98 3.70 -2.87
CA THR E 5 21.20 3.25 -3.52
C THR E 5 21.48 1.87 -2.94
N GLN E 6 22.24 1.03 -3.65
CA GLN E 6 22.71 -0.23 -3.08
C GLN E 6 24.07 -0.67 -3.59
N THR E 7 24.75 -1.58 -2.90
CA THR E 7 26.14 -1.93 -3.25
C THR E 7 26.45 -3.40 -2.95
N PRO E 8 27.16 -4.11 -3.84
CA PRO E 8 27.71 -3.75 -5.15
C PRO E 8 26.77 -4.11 -6.31
N LYS E 9 27.09 -3.65 -7.53
CA LYS E 9 26.32 -4.02 -8.71
C LYS E 9 26.48 -5.52 -9.02
N PHE E 10 27.70 -6.02 -8.94
CA PHE E 10 27.98 -7.42 -9.28
C PHE E 10 28.82 -8.11 -8.22
N GLN E 11 28.73 -9.43 -8.16
CA GLN E 11 29.46 -10.18 -7.14
C GLN E 11 29.62 -11.65 -7.52
N VAL E 12 30.81 -12.20 -7.29
CA VAL E 12 31.07 -13.63 -7.50
C VAL E 12 31.53 -14.22 -6.17
N LEU E 13 30.97 -15.36 -5.79
CA LEU E 13 31.41 -16.03 -4.57
C LEU E 13 31.61 -17.53 -4.75
N LYS E 14 32.51 -18.07 -3.94
CA LYS E 14 32.77 -19.50 -3.84
C LYS E 14 31.73 -19.96 -2.81
N THR E 15 31.38 -21.24 -2.81
CA THR E 15 30.46 -21.77 -1.80
C THR E 15 31.11 -21.63 -0.42
N GLY E 16 30.37 -21.06 0.52
CA GLY E 16 30.85 -20.93 1.89
C GLY E 16 31.32 -19.55 2.29
N GLN E 17 31.66 -18.72 1.29
CA GLN E 17 32.12 -17.35 1.57
C GLN E 17 30.97 -16.49 2.08
N SER E 18 31.33 -15.44 2.82
CA SER E 18 30.37 -14.51 3.38
C SER E 18 30.37 -13.23 2.56
N MET E 19 29.25 -12.56 2.51
CA MET E 19 29.25 -11.21 1.99
C MET E 19 28.12 -10.48 2.62
N THR E 20 28.18 -9.15 2.52
CA THR E 20 27.10 -8.31 2.98
C THR E 20 26.68 -7.34 1.85
N LEU E 21 25.38 -7.24 1.61
CA LEU E 21 24.87 -6.29 0.60
C LEU E 21 24.44 -4.97 1.23
N GLN E 22 25.04 -3.87 0.82
CA GLN E 22 24.73 -2.59 1.42
C GLN E 22 23.53 -1.95 0.79
N CYS E 23 22.75 -1.25 1.58
CA CYS E 23 21.55 -0.64 1.06
C CYS E 23 21.21 0.59 1.84
N ALA E 24 20.86 1.68 1.18
CA ALA E 24 20.71 2.93 1.88
C ALA E 24 19.64 3.74 1.24
N GLN E 25 19.15 4.73 1.96
CA GLN E 25 17.95 5.44 1.59
C GLN E 25 17.98 6.80 2.30
N ASP E 26 17.27 7.74 1.72
CA ASP E 26 17.64 9.13 1.70
C ASP E 26 16.49 9.93 2.22
N MET E 27 15.37 9.26 2.32
CA MET E 27 14.09 9.92 2.37
C MET E 27 13.32 9.77 3.70
N ASN E 28 14.04 9.43 4.77
CA ASN E 28 13.48 9.23 6.13
C ASN E 28 12.34 8.18 6.14
N HIS E 29 12.52 7.14 5.34
CA HIS E 29 11.49 6.14 5.18
C HIS E 29 11.66 5.17 6.34
N GLU E 30 10.57 4.69 6.93
CA GLU E 30 10.69 3.64 7.96
C GLU E 30 10.71 2.20 7.44
N TYR E 31 9.94 1.93 6.40
CA TYR E 31 9.71 0.57 5.95
C TYR E 31 10.70 0.25 4.85
N MET E 32 11.59 -0.73 5.08
CA MET E 32 12.55 -1.18 4.08
C MET E 32 12.52 -2.69 3.92
N SER E 33 12.77 -3.16 2.70
CA SER E 33 12.57 -4.57 2.40
C SER E 33 13.72 -5.02 1.54
N TRP E 34 13.95 -6.34 1.56
CA TRP E 34 14.91 -7.00 0.70
C TRP E 34 14.22 -8.10 -0.09
N TYR E 35 14.49 -8.10 -1.39
CA TYR E 35 13.88 -9.09 -2.24
C TYR E 35 14.90 -9.86 -3.02
N ARG E 36 14.53 -11.05 -3.46
CA ARG E 36 15.24 -11.65 -4.57
C ARG E 36 14.34 -11.82 -5.80
N GLN E 37 14.95 -11.80 -6.99
CA GLN E 37 14.20 -11.99 -8.22
C GLN E 37 14.82 -13.12 -8.96
N ASP E 38 13.98 -14.01 -9.49
CA ASP E 38 14.42 -15.21 -10.19
C ASP E 38 13.46 -15.58 -11.32
N PRO E 39 14.00 -15.72 -12.56
CA PRO E 39 13.39 -16.07 -13.83
C PRO E 39 12.04 -16.81 -13.77
N GLY E 40 11.95 -17.86 -12.96
CA GLY E 40 10.76 -18.69 -12.93
C GLY E 40 9.67 -18.28 -11.95
N MET E 41 10.03 -17.50 -10.92
CA MET E 41 9.09 -17.25 -9.83
C MET E 41 9.14 -15.85 -9.17
N GLY E 42 9.31 -14.81 -10.00
CA GLY E 42 9.04 -13.42 -9.63
C GLY E 42 9.84 -12.85 -8.48
N LEU E 43 9.37 -11.72 -7.97
CA LEU E 43 9.98 -11.06 -6.84
C LEU E 43 9.59 -11.83 -5.61
N ARG E 44 10.55 -12.20 -4.74
CA ARG E 44 10.23 -12.88 -3.49
C ARG E 44 10.84 -12.12 -2.30
N LEU E 45 10.08 -12.01 -1.20
CA LEU E 45 10.50 -11.18 -0.08
C LEU E 45 11.31 -11.97 0.94
N ILE E 46 12.49 -11.47 1.27
CA ILE E 46 13.45 -12.15 2.15
C ILE E 46 13.34 -11.76 3.65
N HIS E 47 13.48 -10.47 3.95
CA HIS E 47 13.38 -9.91 5.28
C HIS E 47 12.92 -8.48 5.06
N TYR E 48 12.34 -7.90 6.10
CA TYR E 48 11.87 -6.51 6.05
C TYR E 48 11.77 -5.91 7.43
N SER E 49 11.55 -4.60 7.46
CA SER E 49 11.69 -3.88 8.70
C SER E 49 10.82 -2.65 8.66
N VAL E 50 9.94 -2.52 9.66
CA VAL E 50 8.99 -1.42 9.60
C VAL E 50 9.42 -0.17 10.38
N GLY E 51 10.63 -0.21 10.94
CA GLY E 51 11.26 0.95 11.58
C GLY E 51 12.69 0.70 12.07
N ALA E 52 13.36 1.74 12.58
CA ALA E 52 14.74 1.62 13.11
C ALA E 52 14.82 0.72 14.35
N GLY E 53 15.71 -0.27 14.32
CA GLY E 53 15.87 -1.17 15.45
C GLY E 53 15.23 -2.52 15.29
N ILE E 54 14.23 -2.62 14.43
CA ILE E 54 13.39 -3.81 14.41
C ILE E 54 13.33 -4.40 13.01
N THR E 55 13.28 -5.73 12.90
CA THR E 55 13.18 -6.42 11.62
C THR E 55 12.37 -7.72 11.77
N ASP E 56 11.82 -8.25 10.68
CA ASP E 56 11.14 -9.57 10.65
C ASP E 56 11.36 -10.31 9.33
N GLN E 57 11.08 -11.60 9.31
CA GLN E 57 11.34 -12.36 8.10
C GLN E 57 10.25 -12.27 7.03
N GLY E 58 10.60 -12.56 5.79
CA GLY E 58 9.65 -12.56 4.70
C GLY E 58 9.20 -13.96 4.38
N GLU E 59 9.13 -14.29 3.09
CA GLU E 59 8.72 -15.64 2.69
C GLU E 59 9.93 -16.55 2.42
N VAL E 60 11.10 -15.97 2.15
CA VAL E 60 12.34 -16.75 1.99
C VAL E 60 13.57 -16.31 2.83
N PRO E 61 13.45 -16.37 4.18
CA PRO E 61 14.50 -15.83 5.07
C PRO E 61 15.80 -16.62 5.13
N ASN E 62 15.67 -17.94 4.99
CA ASN E 62 16.67 -18.99 5.18
C ASN E 62 18.01 -18.63 4.59
N GLY E 63 19.04 -18.58 5.43
CA GLY E 63 20.39 -18.29 4.93
C GLY E 63 20.78 -16.84 4.78
N TYR E 64 19.82 -15.95 4.99
CA TYR E 64 20.08 -14.53 4.91
C TYR E 64 19.88 -13.96 6.26
N ASN E 65 20.59 -12.89 6.53
CA ASN E 65 20.61 -12.31 7.85
C ASN E 65 20.56 -10.77 7.68
N VAL E 66 19.98 -10.08 8.64
CA VAL E 66 19.65 -8.68 8.43
C VAL E 66 19.76 -7.92 9.75
N SER E 67 19.95 -6.59 9.72
CA SER E 67 19.80 -5.74 10.92
C SER E 67 19.47 -4.32 10.46
N ARG E 68 19.06 -3.44 11.38
CA ARG E 68 18.71 -2.06 11.06
C ARG E 68 18.97 -1.13 12.25
N SER E 69 20.21 -0.66 12.40
CA SER E 69 20.57 0.13 13.57
C SER E 69 20.01 1.55 13.45
N THR E 70 19.97 2.01 12.21
CA THR E 70 19.67 3.38 11.87
C THR E 70 18.59 3.29 10.82
N THR E 71 17.78 4.35 10.66
CA THR E 71 16.69 4.32 9.67
C THR E 71 17.21 4.31 8.22
N GLU E 72 18.41 4.86 8.00
CA GLU E 72 19.02 5.00 6.68
C GLU E 72 19.45 3.70 6.02
N ASP E 73 20.01 2.76 6.78
CA ASP E 73 20.72 1.65 6.18
C ASP E 73 20.05 0.33 6.50
N PHE E 74 19.96 -0.56 5.51
CA PHE E 74 19.38 -1.90 5.75
C PHE E 74 20.23 -3.06 5.16
N PRO E 75 21.40 -3.34 5.75
CA PRO E 75 22.31 -4.37 5.20
C PRO E 75 21.77 -5.82 5.21
N LEU E 76 22.05 -6.58 4.17
CA LEU E 76 21.65 -7.98 4.09
C LEU E 76 22.87 -8.85 4.11
N ARG E 77 22.93 -9.77 5.06
CA ARG E 77 24.12 -10.59 5.22
C ARG E 77 23.88 -12.04 4.85
N LEU E 78 24.74 -12.55 3.98
CA LEU E 78 24.73 -13.95 3.63
C LEU E 78 25.93 -14.52 4.33
N LEU E 79 25.73 -15.31 5.38
CA LEU E 79 26.88 -15.77 6.19
C LEU E 79 27.73 -16.83 5.50
N SER E 80 27.08 -17.76 4.82
CA SER E 80 27.79 -18.83 4.12
C SER E 80 27.06 -19.12 2.81
N ALA E 81 27.68 -18.78 1.69
CA ALA E 81 26.96 -18.75 0.40
C ALA E 81 26.62 -20.12 -0.18
N ALA E 82 25.42 -20.22 -0.76
CA ALA E 82 24.89 -21.46 -1.30
C ALA E 82 24.71 -21.24 -2.80
N PRO E 83 24.88 -22.28 -3.63
CA PRO E 83 24.68 -22.06 -5.09
C PRO E 83 23.25 -21.68 -5.54
N SER E 84 22.29 -21.70 -4.60
CA SER E 84 20.91 -21.32 -4.86
C SER E 84 20.66 -19.89 -4.40
N GLN E 85 21.74 -19.17 -4.10
CA GLN E 85 21.61 -17.79 -3.68
C GLN E 85 21.95 -16.87 -4.84
N THR E 86 22.36 -17.51 -5.92
CA THR E 86 22.47 -16.90 -7.23
C THR E 86 21.13 -16.28 -7.64
N SER E 87 21.14 -14.96 -7.78
CA SER E 87 19.94 -14.17 -8.00
C SER E 87 20.28 -12.71 -8.16
N VAL E 88 19.24 -11.95 -8.51
CA VAL E 88 19.29 -10.51 -8.44
C VAL E 88 18.61 -10.14 -7.15
N TYR E 89 19.26 -9.28 -6.38
CA TYR E 89 18.76 -8.86 -5.09
C TYR E 89 18.35 -7.40 -5.09
N PHE E 90 17.11 -7.10 -4.77
CA PHE E 90 16.69 -5.71 -4.76
C PHE E 90 16.32 -5.21 -3.37
N CYS E 91 16.93 -4.11 -2.99
CA CYS E 91 16.58 -3.37 -1.81
C CYS E 91 15.42 -2.48 -2.17
N ALA E 92 14.55 -2.17 -1.20
CA ALA E 92 13.37 -1.34 -1.46
C ALA E 92 12.93 -0.52 -0.26
N SER E 93 12.19 0.55 -0.47
CA SER E 93 11.84 1.39 0.65
C SER E 93 10.47 2.05 0.51
N ARG E 94 9.63 2.02 1.55
CA ARG E 94 8.32 2.78 1.60
C ARG E 94 8.31 3.72 2.81
N PRO E 95 7.47 4.79 2.79
CA PRO E 95 7.37 5.62 3.99
C PRO E 95 6.99 4.91 5.31
N GLY E 96 6.14 3.89 5.23
CA GLY E 96 5.60 3.27 6.43
C GLY E 96 4.66 4.28 7.01
N LEU E 97 4.92 4.71 8.24
CA LEU E 97 4.00 5.61 8.93
C LEU E 97 4.40 7.08 8.79
N ALA E 98 5.59 7.26 8.22
CA ALA E 98 6.31 8.53 8.16
C ALA E 98 5.76 9.58 7.22
N GLY E 99 4.97 9.19 6.24
CA GLY E 99 5.10 9.98 5.03
C GLY E 99 3.96 10.45 4.17
N GLY E 100 4.26 10.49 2.89
CA GLY E 100 3.34 11.02 1.94
C GLY E 100 2.76 9.87 1.18
N ARG E 101 2.78 10.01 -0.15
CA ARG E 101 2.34 8.98 -1.07
C ARG E 101 3.09 7.71 -0.74
N PRO E 102 2.35 6.62 -0.53
CA PRO E 102 2.86 5.36 -0.03
C PRO E 102 3.43 4.49 -1.12
N GLU E 103 4.40 5.00 -1.85
CA GLU E 103 4.96 4.27 -2.94
C GLU E 103 6.27 3.69 -2.52
N GLN E 104 6.53 2.46 -2.95
CA GLN E 104 7.76 1.75 -2.65
C GLN E 104 8.72 1.88 -3.83
N TYR E 105 9.91 2.41 -3.55
CA TYR E 105 10.95 2.66 -4.57
C TYR E 105 11.96 1.57 -4.42
N PHE E 106 12.52 1.10 -5.53
CA PHE E 106 13.51 0.02 -5.51
C PHE E 106 14.97 0.53 -5.73
N GLY E 107 15.94 -0.24 -5.27
CA GLY E 107 17.34 0.10 -5.51
C GLY E 107 17.73 -0.62 -6.77
N PRO E 108 18.90 -0.28 -7.34
CA PRO E 108 19.31 -0.75 -8.67
C PRO E 108 19.70 -2.22 -8.69
N GLY E 109 19.86 -2.84 -7.53
CA GLY E 109 20.03 -4.26 -7.50
C GLY E 109 21.45 -4.73 -7.51
N THR E 110 21.63 -5.96 -7.02
CA THR E 110 22.92 -6.62 -6.96
C THR E 110 22.75 -7.97 -7.63
N ARG E 111 23.57 -8.27 -8.63
CA ARG E 111 23.52 -9.57 -9.28
C ARG E 111 24.64 -10.38 -8.71
N LEU E 112 24.29 -11.51 -8.09
CA LEU E 112 25.23 -12.33 -7.35
C LEU E 112 25.31 -13.73 -7.92
N THR E 113 26.51 -14.23 -8.16
CA THR E 113 26.66 -15.60 -8.60
C THR E 113 27.51 -16.39 -7.60
N VAL E 114 26.99 -17.55 -7.22
CA VAL E 114 27.66 -18.41 -6.28
C VAL E 114 28.02 -19.74 -6.96
N THR E 115 29.29 -20.09 -6.95
CA THR E 115 29.73 -21.24 -7.71
C THR E 115 30.54 -22.19 -6.82
N GLU E 116 30.59 -23.49 -7.16
CA GLU E 116 31.20 -24.48 -6.26
C GLU E 116 32.71 -24.34 -6.25
N ASP E 117 33.24 -23.91 -7.39
CA ASP E 117 34.65 -23.79 -7.63
C ASP E 117 34.80 -22.48 -8.38
N LEU E 118 35.74 -21.64 -7.98
CA LEU E 118 35.90 -20.37 -8.68
C LEU E 118 36.98 -20.40 -9.78
N LYS E 119 37.45 -21.61 -10.06
CA LYS E 119 38.15 -21.93 -11.29
C LYS E 119 37.20 -21.78 -12.49
N ASN E 120 35.89 -21.79 -12.22
CA ASN E 120 34.85 -21.55 -13.22
C ASN E 120 34.78 -20.15 -13.78
N VAL E 121 35.45 -19.20 -13.13
CA VAL E 121 35.40 -17.81 -13.53
C VAL E 121 36.30 -17.63 -14.76
N PHE E 122 35.74 -17.00 -15.79
CA PHE E 122 36.45 -16.77 -17.05
C PHE E 122 36.09 -15.39 -17.57
N PRO E 123 37.08 -14.63 -18.03
CA PRO E 123 36.86 -13.33 -18.66
C PRO E 123 36.33 -13.51 -20.10
N PRO E 124 35.82 -12.46 -20.73
CA PRO E 124 35.46 -12.67 -22.13
C PRO E 124 36.63 -12.58 -23.13
N GLU E 125 36.46 -13.28 -24.25
CA GLU E 125 37.20 -13.01 -25.48
C GLU E 125 36.30 -12.05 -26.22
N VAL E 126 36.87 -11.10 -26.96
CA VAL E 126 36.05 -10.12 -27.66
C VAL E 126 36.56 -9.98 -29.07
N ALA E 127 35.69 -10.12 -30.05
CA ALA E 127 36.07 -9.95 -31.45
C ALA E 127 35.16 -8.93 -32.13
N VAL E 128 35.68 -8.18 -33.09
CA VAL E 128 34.87 -7.28 -33.89
C VAL E 128 34.88 -7.75 -35.34
N PHE E 129 33.71 -7.79 -35.95
CA PHE E 129 33.59 -8.34 -37.27
C PHE E 129 33.25 -7.19 -38.20
N GLU E 130 33.94 -7.14 -39.33
CA GLU E 130 33.81 -6.05 -40.27
C GLU E 130 32.59 -6.27 -41.12
N PRO E 131 31.89 -5.17 -41.49
CA PRO E 131 30.73 -5.17 -42.38
C PRO E 131 31.03 -5.87 -43.65
N SER E 132 30.12 -6.75 -44.06
CA SER E 132 30.20 -7.49 -45.31
C SER E 132 30.21 -6.53 -46.46
N GLU E 133 31.05 -6.81 -47.46
CA GLU E 133 31.08 -6.03 -48.71
C GLU E 133 29.72 -6.03 -49.41
N ALA E 134 29.06 -7.19 -49.44
CA ALA E 134 27.70 -7.31 -49.98
C ALA E 134 26.64 -6.33 -49.42
N GLU E 135 26.66 -6.04 -48.11
CA GLU E 135 25.72 -5.10 -47.46
C GLU E 135 25.87 -3.63 -47.88
N ILE E 136 27.13 -3.16 -47.88
CA ILE E 136 27.54 -1.89 -48.48
C ILE E 136 27.03 -1.76 -49.92
N SER E 137 27.07 -2.87 -50.66
CA SER E 137 26.69 -2.84 -52.07
C SER E 137 25.24 -3.28 -52.31
N HIS E 138 24.38 -3.14 -51.30
CA HIS E 138 22.95 -3.47 -51.42
C HIS E 138 22.12 -2.44 -50.66
N THR E 139 22.64 -1.95 -49.54
CA THR E 139 21.89 -1.01 -48.69
C THR E 139 22.63 0.29 -48.44
N GLN E 140 23.90 0.36 -48.84
CA GLN E 140 24.80 1.50 -48.54
C GLN E 140 24.82 1.92 -47.07
N LYS E 141 24.92 0.91 -46.19
CA LYS E 141 24.92 1.07 -44.75
C LYS E 141 25.77 -0.09 -44.28
N ALA E 142 26.35 0.02 -43.09
CA ALA E 142 27.42 -0.90 -42.67
C ALA E 142 27.31 -1.37 -41.21
N THR E 143 27.12 -2.67 -41.04
CA THR E 143 26.89 -3.22 -39.74
C THR E 143 28.15 -3.86 -39.23
N LEU E 144 28.65 -3.37 -38.11
CA LEU E 144 29.76 -3.98 -37.42
C LEU E 144 29.21 -4.80 -36.28
N VAL E 145 29.60 -6.07 -36.15
CA VAL E 145 29.19 -6.82 -34.96
C VAL E 145 30.31 -7.18 -34.01
N CYS E 146 29.96 -7.20 -32.73
CA CYS E 146 30.90 -7.51 -31.67
C CYS E 146 30.51 -8.77 -30.97
N LEU E 147 31.37 -9.77 -30.97
CA LEU E 147 31.11 -10.96 -30.17
C LEU E 147 31.88 -10.89 -28.88
N ALA E 148 31.21 -11.06 -27.75
CA ALA E 148 31.92 -11.28 -26.49
C ALA E 148 31.55 -12.68 -26.09
N THR E 149 32.52 -13.57 -25.97
CA THR E 149 32.22 -15.00 -25.72
C THR E 149 33.09 -15.58 -24.61
N GLY E 150 32.63 -16.69 -24.06
CA GLY E 150 33.46 -17.54 -23.21
C GLY E 150 33.62 -17.13 -21.76
N PHE E 151 32.69 -16.32 -21.26
CA PHE E 151 32.80 -15.73 -19.94
C PHE E 151 31.83 -16.30 -18.90
N TYR E 152 32.27 -16.26 -17.65
CA TYR E 152 31.47 -16.67 -16.51
C TYR E 152 31.97 -15.84 -15.35
N PRO E 153 31.05 -15.23 -14.59
CA PRO E 153 29.58 -15.25 -14.67
C PRO E 153 29.02 -14.30 -15.71
N ASP E 154 27.71 -14.32 -15.93
CA ASP E 154 27.05 -13.45 -16.91
C ASP E 154 26.99 -11.96 -16.53
N HIS E 155 28.13 -11.43 -16.09
CA HIS E 155 28.21 -10.12 -15.51
C HIS E 155 29.08 -9.23 -16.37
N VAL E 156 28.50 -8.69 -17.44
CA VAL E 156 29.21 -7.78 -18.33
C VAL E 156 28.45 -6.52 -18.70
N GLU E 157 29.16 -5.56 -19.25
CA GLU E 157 28.56 -4.32 -19.76
C GLU E 157 29.27 -3.99 -21.10
N LEU E 158 28.51 -3.83 -22.18
CA LEU E 158 29.08 -3.60 -23.51
C LEU E 158 28.85 -2.17 -23.98
N SER E 159 29.90 -1.57 -24.53
CA SER E 159 29.73 -0.25 -25.12
C SER E 159 30.58 -0.06 -26.37
N TRP E 160 30.07 0.72 -27.30
CA TRP E 160 30.80 0.95 -28.54
C TRP E 160 31.44 2.31 -28.51
N TRP E 161 32.67 2.39 -29.00
CA TRP E 161 33.42 3.63 -28.95
C TRP E 161 33.85 3.93 -30.36
N VAL E 162 33.52 5.11 -30.87
CA VAL E 162 34.06 5.54 -32.18
C VAL E 162 34.70 6.92 -32.18
N ASN E 163 35.98 6.93 -32.58
CA ASN E 163 36.85 8.13 -32.66
C ASN E 163 37.03 8.86 -31.36
N GLY E 164 37.11 8.09 -30.30
CA GLY E 164 37.29 8.63 -28.99
C GLY E 164 36.01 8.51 -28.18
N LYS E 165 34.86 8.71 -28.78
CA LYS E 165 33.63 8.87 -27.99
C LYS E 165 32.68 7.66 -28.05
N GLU E 166 31.93 7.46 -26.97
CA GLU E 166 30.96 6.39 -26.84
C GLU E 166 29.75 6.69 -27.70
N VAL E 167 29.22 5.70 -28.42
CA VAL E 167 27.98 5.93 -29.15
C VAL E 167 26.82 5.10 -28.68
N HIS E 168 25.65 5.71 -28.65
CA HIS E 168 24.44 4.99 -28.36
C HIS E 168 23.65 5.12 -29.61
N SER E 169 24.12 6.06 -30.41
CA SER E 169 23.34 6.68 -31.44
C SER E 169 23.14 5.82 -32.72
N GLY E 170 23.52 4.53 -32.68
CA GLY E 170 23.16 3.57 -33.71
C GLY E 170 23.37 2.10 -33.38
N VAL E 171 23.28 1.73 -32.09
CA VAL E 171 23.63 0.37 -31.64
C VAL E 171 22.46 -0.49 -31.16
N SER E 172 22.54 -1.80 -31.30
CA SER E 172 21.63 -2.69 -30.59
C SER E 172 22.36 -3.91 -29.96
N THR E 173 22.50 -3.92 -28.64
CA THR E 173 23.10 -5.05 -27.92
C THR E 173 22.01 -6.01 -27.46
N ASP E 174 22.34 -7.29 -27.31
CA ASP E 174 21.43 -8.30 -26.74
C ASP E 174 21.02 -7.92 -25.32
N PRO E 175 19.76 -8.23 -24.94
CA PRO E 175 19.34 -7.83 -23.59
C PRO E 175 20.03 -8.65 -22.49
N GLN E 176 20.19 -9.95 -22.70
CA GLN E 176 20.89 -10.82 -21.76
C GLN E 176 21.92 -11.65 -22.53
N PRO E 177 23.01 -12.04 -21.85
CA PRO E 177 23.93 -13.01 -22.45
C PRO E 177 23.34 -14.41 -22.61
N LEU E 178 23.61 -15.08 -23.74
CA LEU E 178 23.26 -16.48 -23.98
C LEU E 178 24.08 -17.45 -23.16
N LYS E 179 23.52 -18.58 -22.76
CA LYS E 179 24.37 -19.67 -22.27
C LYS E 179 24.97 -20.33 -23.49
N GLU E 180 26.28 -20.59 -23.47
CA GLU E 180 26.89 -21.37 -24.55
C GLU E 180 26.53 -22.85 -24.42
N GLN E 181 26.35 -23.30 -23.19
CA GLN E 181 26.02 -24.68 -22.93
C GLN E 181 24.80 -24.82 -22.03
N PRO E 182 23.60 -25.00 -22.62
CA PRO E 182 22.43 -25.46 -21.83
C PRO E 182 22.56 -26.85 -21.14
N ALA E 183 23.78 -27.37 -21.01
CA ALA E 183 24.07 -28.54 -20.20
C ALA E 183 24.38 -28.12 -18.77
N LEU E 184 25.54 -27.49 -18.57
CA LEU E 184 26.02 -27.13 -17.23
C LEU E 184 25.31 -25.93 -16.57
N ASN E 185 25.48 -25.82 -15.25
CA ASN E 185 25.01 -24.68 -14.47
C ASN E 185 26.17 -23.75 -14.17
N ASP E 186 27.37 -24.22 -14.50
CA ASP E 186 28.61 -23.46 -14.39
C ASP E 186 29.05 -23.10 -15.80
N SER E 187 28.14 -23.33 -16.74
CA SER E 187 28.34 -23.03 -18.17
C SER E 187 28.60 -21.58 -18.54
N ARG E 188 29.45 -21.40 -19.54
CA ARG E 188 29.88 -20.07 -19.92
C ARG E 188 28.91 -19.32 -20.82
N TYR E 189 29.13 -18.01 -20.90
CA TYR E 189 28.19 -17.14 -21.55
C TYR E 189 28.77 -16.39 -22.74
N ALA E 190 27.87 -15.96 -23.63
CA ALA E 190 28.22 -15.15 -24.80
C ALA E 190 27.18 -14.05 -25.04
N LEU E 191 27.62 -12.92 -25.57
CA LEU E 191 26.72 -11.81 -25.84
C LEU E 191 27.13 -11.09 -27.13
N SER E 192 26.16 -10.57 -27.88
CA SER E 192 26.48 -9.81 -29.09
C SER E 192 25.92 -8.40 -29.11
N SER E 193 26.57 -7.55 -29.90
CA SER E 193 26.02 -6.24 -30.22
C SER E 193 26.19 -5.94 -31.71
N ARG E 194 25.50 -4.91 -32.20
CA ARG E 194 25.53 -4.50 -33.59
C ARG E 194 25.82 -3.04 -33.58
N LEU E 195 26.73 -2.57 -34.44
CA LEU E 195 26.83 -1.14 -34.71
C LEU E 195 26.65 -0.82 -36.20
N ARG E 196 25.61 -0.05 -36.50
CA ARG E 196 25.33 0.33 -37.89
C ARG E 196 25.73 1.77 -38.19
N VAL E 197 26.52 1.92 -39.25
CA VAL E 197 26.93 3.24 -39.74
C VAL E 197 26.65 3.33 -41.23
N SER E 198 26.67 4.55 -41.78
CA SER E 198 26.58 4.73 -43.24
C SER E 198 27.86 4.26 -43.94
N ALA E 199 27.74 3.94 -45.22
CA ALA E 199 28.83 3.37 -46.01
C ALA E 199 30.03 4.29 -46.14
N THR E 200 29.78 5.59 -46.31
CA THR E 200 30.88 6.54 -46.42
C THR E 200 31.53 6.86 -45.06
N PHE E 201 30.80 6.63 -43.97
CA PHE E 201 31.39 6.69 -42.63
C PHE E 201 32.26 5.48 -42.37
N TRP E 202 31.85 4.32 -42.86
CA TRP E 202 32.68 3.12 -42.73
C TRP E 202 33.92 3.19 -43.62
N GLN E 203 33.77 3.73 -44.82
CA GLN E 203 34.82 3.70 -45.83
C GLN E 203 36.02 4.58 -45.52
N ASP E 204 35.80 5.62 -44.70
CA ASP E 204 36.85 6.56 -44.29
C ASP E 204 37.78 5.87 -43.28
N PRO E 205 39.07 5.69 -43.63
CA PRO E 205 40.01 4.98 -42.76
C PRO E 205 40.50 5.76 -41.55
N ARG E 206 40.13 7.04 -41.49
CA ARG E 206 40.33 7.92 -40.35
C ARG E 206 39.59 7.38 -39.11
N ASN E 207 38.45 6.73 -39.38
CA ASN E 207 37.54 6.22 -38.35
C ASN E 207 37.94 4.93 -37.61
N HIS E 208 38.01 5.04 -36.29
CA HIS E 208 38.38 3.94 -35.40
C HIS E 208 37.16 3.47 -34.64
N PHE E 209 36.90 2.16 -34.70
CA PHE E 209 35.74 1.59 -34.01
C PHE E 209 36.21 0.61 -32.93
N ARG E 210 35.72 0.78 -31.71
CA ARG E 210 36.11 -0.11 -30.62
C ARG E 210 34.93 -0.57 -29.78
N CYS E 211 34.82 -1.89 -29.66
CA CYS E 211 33.86 -2.53 -28.79
C CYS E 211 34.47 -2.76 -27.42
N GLN E 212 33.84 -2.21 -26.38
CA GLN E 212 34.35 -2.31 -24.99
C GLN E 212 33.45 -3.23 -24.18
N VAL E 213 34.03 -4.20 -23.48
CA VAL E 213 33.27 -5.11 -22.60
C VAL E 213 33.83 -5.11 -21.17
N GLN E 214 33.10 -4.54 -20.23
CA GLN E 214 33.56 -4.57 -18.85
C GLN E 214 33.12 -5.90 -18.24
N PHE E 215 34.03 -6.60 -17.58
CA PHE E 215 33.74 -7.87 -16.97
C PHE E 215 33.93 -7.70 -15.48
N TYR E 216 33.07 -8.36 -14.72
CA TYR E 216 33.17 -8.34 -13.27
C TYR E 216 33.52 -9.73 -12.78
N GLY E 217 34.67 -9.85 -12.11
CA GLY E 217 35.22 -11.16 -11.81
C GLY E 217 35.73 -11.31 -10.39
N LEU E 218 36.96 -11.78 -10.26
CA LEU E 218 37.53 -11.97 -8.95
C LEU E 218 38.09 -10.65 -8.43
N SER E 219 38.35 -10.60 -7.13
CA SER E 219 38.98 -9.43 -6.54
C SER E 219 40.49 -9.65 -6.54
N GLU E 220 41.26 -8.64 -6.13
CA GLU E 220 42.71 -8.81 -5.98
C GLU E 220 43.05 -9.53 -4.67
N ASN E 221 42.10 -9.52 -3.74
CA ASN E 221 42.16 -10.30 -2.52
C ASN E 221 42.01 -11.80 -2.74
N ASP E 222 41.56 -12.18 -3.94
CA ASP E 222 41.28 -13.56 -4.25
C ASP E 222 42.54 -14.36 -4.60
N GLU E 223 42.72 -15.49 -3.90
CA GLU E 223 43.80 -16.46 -4.11
C GLU E 223 43.73 -17.13 -5.49
N TRP E 224 44.85 -17.14 -6.22
CA TRP E 224 44.87 -17.75 -7.56
C TRP E 224 46.08 -18.63 -7.87
N THR E 225 45.85 -19.95 -7.91
CA THR E 225 46.93 -20.92 -7.98
C THR E 225 47.06 -21.52 -9.39
N GLN E 226 46.16 -21.10 -10.28
CA GLN E 226 46.13 -21.70 -11.61
C GLN E 226 47.18 -21.11 -12.51
N ASP E 227 47.45 -21.81 -13.61
CA ASP E 227 48.50 -21.43 -14.52
C ASP E 227 47.98 -20.29 -15.36
N ARG E 228 46.68 -20.38 -15.64
CA ARG E 228 45.85 -19.31 -16.20
C ARG E 228 45.95 -18.01 -15.41
N ALA E 229 45.78 -16.87 -16.09
CA ALA E 229 45.75 -15.57 -15.42
C ALA E 229 44.47 -15.43 -14.58
N LYS E 230 44.65 -14.91 -13.37
CA LYS E 230 43.56 -14.62 -12.43
C LYS E 230 42.51 -13.73 -13.07
N PRO E 231 41.28 -14.26 -13.23
CA PRO E 231 40.20 -13.60 -13.97
C PRO E 231 39.58 -12.46 -13.19
N VAL E 232 40.34 -11.42 -12.88
CA VAL E 232 39.82 -10.30 -12.12
C VAL E 232 38.83 -9.47 -12.94
N THR E 233 38.20 -8.51 -12.25
CA THR E 233 37.40 -7.46 -12.85
C THR E 233 38.27 -6.67 -13.80
N GLN E 234 37.83 -6.51 -15.04
CA GLN E 234 38.70 -6.03 -16.12
C GLN E 234 37.90 -5.69 -17.38
N ILE E 235 38.50 -4.88 -18.25
CA ILE E 235 37.87 -4.52 -19.50
C ILE E 235 38.62 -5.18 -20.66
N VAL E 236 37.90 -5.85 -21.56
CA VAL E 236 38.53 -6.36 -22.75
C VAL E 236 37.91 -5.63 -23.96
N SER E 237 38.77 -5.22 -24.91
CA SER E 237 38.35 -4.62 -26.17
C SER E 237 38.78 -5.37 -27.42
N ALA E 238 38.01 -5.15 -28.49
CA ALA E 238 38.39 -5.50 -29.85
C ALA E 238 38.19 -4.26 -30.69
N GLU E 239 38.89 -4.18 -31.80
CA GLU E 239 38.80 -2.98 -32.60
C GLU E 239 38.88 -3.29 -34.08
N ALA E 240 38.38 -2.33 -34.88
CA ALA E 240 38.64 -2.29 -36.29
C ALA E 240 38.69 -0.86 -36.75
N TRP E 241 39.21 -0.69 -37.96
CA TRP E 241 39.52 0.58 -38.52
C TRP E 241 38.68 0.72 -39.77
N GLY E 242 38.43 1.95 -40.17
CA GLY E 242 37.72 2.21 -41.41
C GLY E 242 38.49 1.71 -42.62
N ARG E 243 37.75 1.24 -43.62
CA ARG E 243 38.38 0.56 -44.75
C ARG E 243 37.94 1.07 -46.11
N ALA E 244 38.89 1.73 -46.79
CA ALA E 244 38.70 2.22 -48.16
C ALA E 244 38.68 1.06 -49.10
N ASP E 245 37.49 0.55 -49.40
CA ASP E 245 37.35 -0.59 -50.30
C ASP E 245 36.33 -0.33 -51.40
C1 GOL F . -11.71 3.46 31.77
O1 GOL F . -11.89 4.07 30.49
C2 GOL F . -11.87 1.92 31.80
O2 GOL F . -12.07 1.36 30.49
C3 GOL F . -10.72 1.20 32.55
O3 GOL F . -10.86 -0.21 32.44
C1 GOL G . -21.69 8.35 15.07
O1 GOL G . -21.79 7.60 13.87
C2 GOL G . -22.15 7.55 16.27
O2 GOL G . -21.11 6.84 16.88
C3 GOL G . -22.79 8.45 17.31
O3 GOL G . -23.59 7.58 18.06
C1 GOL H . -11.35 -8.51 29.58
O1 GOL H . -10.09 -8.65 30.19
C2 GOL H . -10.95 -8.30 28.14
O2 GOL H . -9.71 -8.93 27.96
C3 GOL H . -11.98 -8.90 27.18
O3 GOL H . -11.86 -8.18 25.99
C1 GOL I . -7.28 27.86 9.97
O1 GOL I . -6.02 27.82 9.33
C2 GOL I . -8.40 28.25 8.99
O2 GOL I . -8.51 27.31 7.95
C3 GOL I . -9.73 28.43 9.73
O3 GOL I . -10.84 27.97 8.96
C1 GOL J . 8.51 12.33 13.31
O1 GOL J . 8.35 11.23 14.17
C2 GOL J . 7.24 13.17 13.44
O2 GOL J . 7.13 13.55 14.79
C3 GOL J . 7.30 14.44 12.61
O3 GOL J . 6.23 15.26 13.03
S SO4 K . -11.23 17.21 50.16
O1 SO4 K . -12.34 18.07 49.69
O2 SO4 K . -9.89 17.63 49.66
O3 SO4 K . -11.47 15.82 49.74
O4 SO4 K . -11.28 17.24 51.65
C1 GOL L . 23.75 -9.40 14.15
O1 GOL L . 25.10 -9.08 13.91
C2 GOL L . 22.82 -9.47 12.94
O2 GOL L . 23.53 -9.83 11.78
C3 GOL L . 21.75 -10.49 13.27
O3 GOL L . 20.76 -10.55 12.26
C1 GOL M . 41.18 5.79 -28.03
O1 GOL M . 42.00 5.36 -26.97
C2 GOL M . 39.99 4.86 -28.11
O2 GOL M . 39.07 5.25 -27.13
C3 GOL M . 39.31 5.15 -29.44
O3 GOL M . 37.93 4.80 -29.43
#